data_6KGA
#
_entry.id   6KGA
#
_cell.length_a   152.690
_cell.length_b   171.820
_cell.length_c   175.200
_cell.angle_alpha   90.000
_cell.angle_beta   90.000
_cell.angle_gamma   90.000
#
_symmetry.space_group_name_H-M   'I 2 2 2'
#
_entity_poly.entity_id   1
_entity_poly.type   'polypeptide(L)'
_entity_poly.pdbx_seq_one_letter_code
;MGSIGAASTEFCFDMFKELKVHHVNENIIYSPLSIISILSMVFLGARENTKTQMEKVIHFDKITGFGESLESQCGTSVSV
HASLKDILSEITKPSDNYSLSLASKLYAEETYPVLPEYLQCIKELYKGSLETVSFQTAADQARELINSWVETQTNGVIKN
FLQPGSVDPQTEMVLVDAIYFKGTWEKAFKDEDTQEVPFRITEQESKPVQMMYQAGSFKVATVAAEKMKILELPYASGEL
SMFVLLPDDISGLEQLETTISIEKLSEWTSSNMMEDRKMKVYLPHMKIEEKYNLTSVLVALGMTDLFSPSANLSGISTAQ
TLKMSEAIHGAYVEIYEAGSEMATSTGVLVEAASVSEEFRVDHPFLFLIKHNPSNSILFFGRCIFPHHHHHH
;
_entity_poly.pdbx_strand_id   A,B,C
#
# COMPACT_ATOMS: atom_id res chain seq x y z
N GLY A 2 7.09 27.90 -37.08
CA GLY A 2 6.70 27.27 -35.83
C GLY A 2 7.05 28.12 -34.62
N SER A 3 6.63 27.65 -33.44
CA SER A 3 6.90 28.34 -32.19
C SER A 3 7.42 27.34 -31.17
N ILE A 4 8.34 27.81 -30.31
CA ILE A 4 8.92 26.94 -29.29
C ILE A 4 7.90 26.61 -28.19
N GLY A 5 6.81 27.36 -28.10
CA GLY A 5 5.71 26.93 -27.25
C GLY A 5 5.09 25.63 -27.74
N ALA A 6 4.85 25.53 -29.05
CA ALA A 6 4.32 24.28 -29.61
C ALA A 6 5.33 23.15 -29.48
N ALA A 7 6.62 23.47 -29.64
CA ALA A 7 7.65 22.45 -29.41
C ALA A 7 7.61 21.97 -27.97
N SER A 8 7.44 22.89 -27.02
CA SER A 8 7.34 22.50 -25.62
C SER A 8 6.12 21.63 -25.38
N THR A 9 5.00 21.94 -26.03
CA THR A 9 3.78 21.14 -25.88
C THR A 9 3.99 19.71 -26.39
N GLU A 10 4.50 19.59 -27.62
CA GLU A 10 4.68 18.27 -28.21
C GLU A 10 5.70 17.45 -27.44
N PHE A 11 6.82 18.08 -27.04
CA PHE A 11 7.79 17.40 -26.20
C PHE A 11 7.19 17.01 -24.86
N CYS A 12 6.32 17.87 -24.32
CA CYS A 12 5.65 17.56 -23.06
C CYS A 12 4.87 16.27 -23.15
N PHE A 13 4.10 16.11 -24.24
CA PHE A 13 3.27 14.92 -24.32
C PHE A 13 4.08 13.67 -24.68
N ASP A 14 5.12 13.82 -25.52
CA ASP A 14 6.03 12.69 -25.75
C ASP A 14 6.67 12.24 -24.44
N MET A 15 7.14 13.20 -23.64
CA MET A 15 7.78 12.90 -22.37
C MET A 15 6.79 12.30 -21.38
N PHE A 16 5.54 12.75 -21.40
CA PHE A 16 4.54 12.17 -20.53
C PHE A 16 4.30 10.70 -20.88
N LYS A 17 4.17 10.41 -22.18
CA LYS A 17 4.06 9.03 -22.62
C LYS A 17 5.23 8.19 -22.14
N GLU A 18 6.45 8.71 -22.29
CA GLU A 18 7.62 7.92 -21.93
C GLU A 18 7.81 7.82 -20.41
N LEU A 19 7.27 8.75 -19.64
CA LEU A 19 7.50 8.83 -18.21
C LEU A 19 6.45 8.07 -17.41
N LYS A 20 5.19 8.08 -17.85
CA LYS A 20 4.12 7.47 -17.07
C LYS A 20 4.29 5.96 -16.91
N VAL A 21 5.11 5.32 -17.74
CA VAL A 21 5.23 3.87 -17.69
C VAL A 21 5.93 3.39 -16.42
N HIS A 22 6.75 4.24 -15.79
CA HIS A 22 7.47 3.87 -14.58
C HIS A 22 6.87 4.49 -13.32
N HIS A 23 5.70 5.11 -13.43
CA HIS A 23 5.08 5.80 -12.29
C HIS A 23 3.57 5.58 -12.29
N VAL A 24 3.15 4.33 -12.13
CA VAL A 24 1.73 4.02 -12.05
C VAL A 24 1.23 4.29 -10.64
N ASN A 25 -0.03 4.70 -10.54
CA ASN A 25 -0.66 5.02 -9.26
C ASN A 25 0.18 6.01 -8.45
N GLU A 26 0.76 6.97 -9.16
CA GLU A 26 1.67 7.93 -8.55
C GLU A 26 1.44 9.30 -9.15
N ASN A 27 1.69 10.34 -8.35
CA ASN A 27 1.59 11.70 -8.83
C ASN A 27 2.73 12.03 -9.78
N ILE A 28 2.43 12.80 -10.81
CA ILE A 28 3.42 13.25 -11.79
C ILE A 28 3.30 14.76 -11.94
N ILE A 29 4.43 15.45 -12.06
CA ILE A 29 4.46 16.88 -12.31
C ILE A 29 5.83 17.24 -12.88
N TYR A 30 5.83 18.01 -13.97
CA TYR A 30 7.09 18.42 -14.59
C TYR A 30 6.83 19.65 -15.44
N SER A 31 7.89 20.41 -15.69
CA SER A 31 7.82 21.63 -16.47
C SER A 31 8.35 21.41 -17.88
N PRO A 32 7.49 21.41 -18.89
CA PRO A 32 8.00 21.27 -20.27
C PRO A 32 8.87 22.45 -20.71
N LEU A 33 8.50 23.66 -20.31
CA LEU A 33 9.20 24.85 -20.77
C LEU A 33 10.64 24.86 -20.25
N SER A 34 10.82 24.64 -18.94
CA SER A 34 12.15 24.66 -18.36
C SER A 34 13.04 23.57 -18.95
N ILE A 35 12.51 22.36 -19.09
CA ILE A 35 13.27 21.26 -19.66
C ILE A 35 13.68 21.58 -21.08
N ILE A 36 12.72 22.03 -21.90
CA ILE A 36 13.04 22.31 -23.30
C ILE A 36 14.01 23.48 -23.41
N SER A 37 13.99 24.41 -22.47
CA SER A 37 14.91 25.54 -22.49
C SER A 37 16.34 25.08 -22.19
N ILE A 38 16.51 24.27 -21.13
CA ILE A 38 17.83 23.74 -20.82
C ILE A 38 18.35 22.87 -21.97
N LEU A 39 17.48 22.04 -22.53
CA LEU A 39 17.90 21.18 -23.64
C LEU A 39 18.24 22.01 -24.88
N SER A 40 17.58 23.14 -25.08
CA SER A 40 17.96 24.01 -26.20
C SER A 40 19.31 24.68 -25.95
N MET A 41 19.58 25.03 -24.68
CA MET A 41 20.91 25.52 -24.32
C MET A 41 21.97 24.52 -24.71
N VAL A 42 21.78 23.25 -24.35
CA VAL A 42 22.74 22.22 -24.73
C VAL A 42 22.74 22.03 -26.25
N PHE A 43 21.58 22.18 -26.88
CA PHE A 43 21.43 21.95 -28.32
C PHE A 43 22.22 22.96 -29.12
N LEU A 44 22.36 24.18 -28.63
CA LEU A 44 23.20 25.17 -29.31
C LEU A 44 24.66 24.74 -29.38
N GLY A 45 25.12 23.91 -28.44
CA GLY A 45 26.50 23.48 -28.39
C GLY A 45 26.86 22.24 -29.18
N ALA A 46 25.88 21.49 -29.65
CA ALA A 46 26.15 20.27 -30.40
C ALA A 46 26.18 20.54 -31.91
N ARG A 47 26.81 19.61 -32.64
CA ARG A 47 26.83 19.64 -34.09
C ARG A 47 26.59 18.22 -34.59
N GLU A 48 26.48 18.10 -35.91
CA GLU A 48 26.50 16.79 -36.60
C GLU A 48 25.32 15.94 -36.11
N ASN A 49 25.55 14.71 -35.66
CA ASN A 49 24.44 13.82 -35.32
C ASN A 49 23.85 14.13 -33.96
N THR A 50 24.67 14.56 -33.00
CA THR A 50 24.15 14.93 -31.69
C THR A 50 23.16 16.09 -31.81
N LYS A 51 23.53 17.12 -32.60
CA LYS A 51 22.65 18.26 -32.77
C LYS A 51 21.35 17.87 -33.46
N THR A 52 21.42 17.04 -34.50
CA THR A 52 20.20 16.64 -35.20
C THR A 52 19.31 15.79 -34.29
N GLN A 53 19.91 14.89 -33.51
CA GLN A 53 19.13 14.09 -32.57
C GLN A 53 18.43 14.98 -31.54
N MET A 54 19.17 15.93 -30.96
CA MET A 54 18.57 16.85 -30.01
C MET A 54 17.46 17.67 -30.66
N GLU A 55 17.65 18.05 -31.93
CA GLU A 55 16.65 18.84 -32.63
C GLU A 55 15.38 18.03 -32.85
N LYS A 56 15.51 16.75 -33.20
CA LYS A 56 14.34 15.91 -33.36
C LYS A 56 13.61 15.72 -32.03
N VAL A 57 14.35 15.47 -30.96
CA VAL A 57 13.70 15.21 -29.67
C VAL A 57 13.05 16.48 -29.12
N ILE A 58 13.72 17.63 -29.30
CA ILE A 58 13.19 18.91 -28.82
C ILE A 58 12.16 19.49 -29.79
N HIS A 59 12.03 18.92 -30.98
CA HIS A 59 11.06 19.36 -31.99
C HIS A 59 11.36 20.78 -32.47
N PHE A 60 12.63 21.16 -32.44
CA PHE A 60 13.04 22.44 -33.02
C PHE A 60 13.21 22.36 -34.54
N ASP A 61 13.15 21.17 -35.12
CA ASP A 61 13.19 21.05 -36.57
C ASP A 61 11.94 21.65 -37.20
N LYS A 62 10.82 21.67 -36.48
CA LYS A 62 9.60 22.25 -37.01
C LYS A 62 9.63 23.77 -36.96
N ILE A 63 10.36 24.36 -36.01
CA ILE A 63 10.42 25.81 -35.90
C ILE A 63 11.14 26.41 -37.10
N THR A 64 12.27 25.81 -37.49
CA THR A 64 13.04 26.34 -38.60
C THR A 64 12.27 26.22 -39.90
N GLY A 65 12.22 27.33 -40.65
CA GLY A 65 11.55 27.34 -41.97
C GLY A 65 12.50 26.72 -42.98
N PHE A 66 11.99 26.21 -44.11
CA PHE A 66 12.92 25.55 -45.05
C PHE A 66 13.95 26.58 -45.54
N GLY A 67 15.24 26.25 -45.36
CA GLY A 67 16.36 27.14 -45.75
C GLY A 67 16.99 27.85 -44.56
N GLU A 68 18.33 27.95 -44.56
CA GLU A 68 19.14 28.66 -43.56
C GLU A 68 18.92 28.08 -42.16
N SER A 69 19.28 26.81 -41.99
CA SER A 69 18.94 26.10 -40.76
C SER A 69 20.02 26.14 -39.68
N LEU A 70 21.29 26.21 -40.06
CA LEU A 70 22.37 26.11 -39.08
C LEU A 70 23.38 27.21 -39.32
N GLU A 71 23.88 27.80 -38.23
CA GLU A 71 24.90 28.86 -38.18
C GLU A 71 24.39 30.15 -38.82
N SER A 72 23.17 30.18 -39.34
CA SER A 72 22.60 31.43 -39.85
C SER A 72 22.56 32.49 -38.76
N GLN A 73 21.96 32.16 -37.63
CA GLN A 73 22.16 32.92 -36.41
C GLN A 73 23.30 32.26 -35.62
N CYS A 74 23.34 32.46 -34.31
CA CYS A 74 24.46 31.93 -33.53
C CYS A 74 24.07 30.51 -33.08
N GLY A 75 24.70 29.51 -33.69
CA GLY A 75 24.46 28.13 -33.33
C GLY A 75 23.23 27.48 -33.94
N THR A 76 22.30 28.26 -34.49
CA THR A 76 21.03 27.72 -35.01
C THR A 76 20.56 28.58 -36.17
N SER A 77 19.32 28.31 -36.59
CA SER A 77 18.67 29.10 -37.63
C SER A 77 18.15 30.41 -37.04
N VAL A 78 17.84 31.34 -37.94
CA VAL A 78 17.33 32.64 -37.51
C VAL A 78 15.95 32.48 -36.86
N SER A 79 15.15 31.55 -37.37
CA SER A 79 13.81 31.35 -36.82
C SER A 79 13.87 30.84 -35.39
N VAL A 80 14.71 29.82 -35.14
CA VAL A 80 14.81 29.25 -33.80
C VAL A 80 15.39 30.27 -32.83
N HIS A 81 16.41 31.01 -33.26
CA HIS A 81 17.01 32.06 -32.44
C HIS A 81 15.96 33.11 -32.05
N ALA A 82 15.20 33.58 -33.04
CA ALA A 82 14.15 34.57 -32.77
C ALA A 82 13.11 34.00 -31.82
N SER A 83 12.71 32.75 -32.01
CA SER A 83 11.73 32.13 -31.11
C SER A 83 12.25 32.13 -29.68
N LEU A 84 13.50 31.71 -29.48
CA LEU A 84 14.09 31.66 -28.15
C LEU A 84 14.09 33.04 -27.50
N LYS A 85 14.62 34.04 -28.22
CA LYS A 85 14.75 35.37 -27.62
C LYS A 85 13.38 35.98 -27.32
N ASP A 86 12.43 35.85 -28.26
CA ASP A 86 11.12 36.44 -28.02
C ASP A 86 10.40 35.74 -26.88
N ILE A 87 10.58 34.43 -26.73
CA ILE A 87 9.93 33.71 -25.63
C ILE A 87 10.50 34.18 -24.29
N LEU A 88 11.82 34.33 -24.22
CA LEU A 88 12.42 34.90 -23.02
C LEU A 88 11.79 36.24 -22.70
N SER A 89 11.65 37.10 -23.71
CA SER A 89 11.04 38.41 -23.47
C SER A 89 9.58 38.28 -23.06
N GLU A 90 8.88 37.27 -23.58
CA GLU A 90 7.45 37.11 -23.30
C GLU A 90 7.20 36.72 -21.85
N ILE A 91 7.90 35.70 -21.36
CA ILE A 91 7.60 35.23 -20.01
C ILE A 91 8.35 35.98 -18.91
N THR A 92 9.38 36.75 -19.27
CA THR A 92 10.04 37.64 -18.31
C THR A 92 9.61 39.08 -18.51
N LYS A 93 8.29 39.28 -18.68
CA LYS A 93 7.69 40.60 -18.82
C LYS A 93 7.12 41.05 -17.49
N PRO A 94 7.50 42.22 -16.99
CA PRO A 94 7.02 42.65 -15.67
C PRO A 94 5.51 42.84 -15.66
N SER A 95 4.90 42.54 -14.52
CA SER A 95 3.46 42.71 -14.34
C SER A 95 3.17 42.93 -12.87
N ASP A 96 2.15 43.75 -12.60
CA ASP A 96 1.70 44.01 -11.25
C ASP A 96 0.63 43.05 -10.77
N ASN A 97 0.26 42.06 -11.59
CA ASN A 97 -0.77 41.10 -11.23
C ASN A 97 -0.22 39.76 -10.80
N TYR A 98 0.98 39.39 -11.24
CA TYR A 98 1.60 38.14 -10.85
C TYR A 98 3.11 38.34 -10.81
N SER A 99 3.83 37.30 -10.37
CA SER A 99 5.29 37.28 -10.37
C SER A 99 5.74 36.05 -11.15
N LEU A 100 6.34 36.27 -12.30
CA LEU A 100 6.83 35.19 -13.17
C LEU A 100 8.26 35.49 -13.55
N SER A 101 9.16 34.53 -13.30
CA SER A 101 10.57 34.72 -13.59
C SER A 101 11.18 33.45 -14.14
N LEU A 102 11.97 33.60 -15.20
CA LEU A 102 12.80 32.55 -15.78
C LEU A 102 14.25 32.96 -15.66
N ALA A 103 15.05 32.18 -14.94
CA ALA A 103 16.46 32.46 -14.75
C ALA A 103 17.30 31.29 -15.23
N SER A 104 18.43 31.60 -15.84
CA SER A 104 19.33 30.58 -16.37
C SER A 104 20.76 30.94 -15.99
N LYS A 105 21.55 29.92 -15.65
CA LYS A 105 22.92 30.16 -15.21
C LYS A 105 23.75 28.91 -15.46
N LEU A 106 25.01 29.10 -15.86
CA LEU A 106 25.90 27.98 -16.11
C LEU A 106 27.16 28.13 -15.27
N TYR A 107 27.54 27.04 -14.62
CA TYR A 107 28.76 26.94 -13.84
C TYR A 107 29.75 26.08 -14.61
N ALA A 108 31.03 26.48 -14.57
CA ALA A 108 32.05 25.79 -15.34
C ALA A 108 33.30 25.64 -14.50
N GLU A 109 34.05 24.58 -14.78
CA GLU A 109 35.34 24.38 -14.14
C GLU A 109 36.34 25.41 -14.63
N GLU A 110 37.23 25.83 -13.73
CA GLU A 110 38.23 26.84 -14.08
C GLU A 110 39.16 26.33 -15.18
N THR A 111 39.57 25.06 -15.10
CA THR A 111 40.43 24.49 -16.12
C THR A 111 39.69 24.23 -17.42
N TYR A 112 38.36 24.18 -17.39
CA TYR A 112 37.57 23.93 -18.60
C TYR A 112 37.52 25.18 -19.46
N PRO A 113 37.88 25.09 -20.74
CA PRO A 113 37.84 26.27 -21.61
C PRO A 113 36.58 26.37 -22.44
N VAL A 114 35.58 27.09 -21.93
CA VAL A 114 34.32 27.28 -22.65
C VAL A 114 34.53 28.29 -23.76
N LEU A 115 34.03 27.97 -24.96
CA LEU A 115 34.15 28.89 -26.09
C LEU A 115 33.47 30.21 -25.77
N PRO A 116 34.11 31.35 -26.03
CA PRO A 116 33.49 32.64 -25.67
C PRO A 116 32.25 32.97 -26.48
N GLU A 117 32.18 32.53 -27.75
CA GLU A 117 31.00 32.79 -28.55
C GLU A 117 29.79 32.04 -28.02
N TYR A 118 29.99 30.83 -27.51
CA TYR A 118 28.89 30.09 -26.88
C TYR A 118 28.42 30.81 -25.62
N LEU A 119 29.34 31.38 -24.86
CA LEU A 119 28.95 32.16 -23.69
C LEU A 119 28.15 33.40 -24.09
N GLN A 120 28.57 34.07 -25.16
CA GLN A 120 27.83 35.22 -25.65
C GLN A 120 26.43 34.81 -26.10
N CYS A 121 26.32 33.63 -26.73
CA CYS A 121 25.00 33.13 -27.12
C CYS A 121 24.13 32.85 -25.92
N ILE A 122 24.70 32.26 -24.87
CA ILE A 122 23.94 32.02 -23.66
C ILE A 122 23.44 33.31 -23.05
N LYS A 123 24.27 34.35 -23.07
CA LYS A 123 23.85 35.65 -22.55
C LYS A 123 22.78 36.28 -23.43
N GLU A 124 22.87 36.09 -24.75
CA GLU A 124 21.92 36.73 -25.66
C GLU A 124 20.55 36.06 -25.60
N LEU A 125 20.52 34.72 -25.69
CA LEU A 125 19.28 34.00 -25.90
C LEU A 125 18.62 33.53 -24.59
N TYR A 126 19.39 33.34 -23.53
CA TYR A 126 18.85 32.84 -22.28
C TYR A 126 19.12 33.75 -21.10
N LYS A 127 19.79 34.88 -21.32
CA LYS A 127 20.19 35.80 -20.23
C LYS A 127 20.95 35.04 -19.15
N GLY A 128 21.90 34.22 -19.58
CA GLY A 128 22.58 33.31 -18.69
C GLY A 128 23.98 33.75 -18.28
N SER A 129 24.19 33.94 -16.99
CA SER A 129 25.50 34.29 -16.49
C SER A 129 26.34 33.04 -16.28
N LEU A 130 27.66 33.24 -16.25
CA LEU A 130 28.63 32.19 -16.02
C LEU A 130 29.28 32.37 -14.65
N GLU A 131 29.42 31.28 -13.92
CA GLU A 131 30.22 31.25 -12.70
C GLU A 131 31.27 30.16 -12.82
N THR A 132 32.51 30.50 -12.50
CA THR A 132 33.61 29.54 -12.51
C THR A 132 33.79 28.97 -11.10
N VAL A 133 33.68 27.65 -10.98
CA VAL A 133 33.87 26.96 -9.71
C VAL A 133 34.88 25.85 -9.92
N SER A 134 35.54 25.46 -8.83
CA SER A 134 36.56 24.41 -8.86
C SER A 134 35.88 23.08 -8.53
N PHE A 135 35.53 22.33 -9.57
CA PHE A 135 34.91 21.02 -9.36
C PHE A 135 35.93 20.01 -8.83
N GLN A 136 37.14 20.00 -9.40
CA GLN A 136 38.12 18.98 -9.07
C GLN A 136 38.59 19.07 -7.62
N THR A 137 38.67 20.28 -7.07
CA THR A 137 39.16 20.47 -5.71
C THR A 137 38.07 20.65 -4.68
N ALA A 138 36.89 21.16 -5.09
CA ALA A 138 35.78 21.41 -4.17
C ALA A 138 34.46 21.25 -4.93
N ALA A 139 34.09 20.00 -5.23
CA ALA A 139 32.85 19.73 -5.94
C ALA A 139 31.65 19.88 -5.02
N ASP A 140 31.78 19.50 -3.75
CA ASP A 140 30.66 19.60 -2.82
C ASP A 140 30.31 21.05 -2.54
N GLN A 141 31.31 21.92 -2.43
CA GLN A 141 31.04 23.35 -2.28
C GLN A 141 30.32 23.89 -3.51
N ALA A 142 30.71 23.42 -4.70
CA ALA A 142 30.03 23.81 -5.93
C ALA A 142 28.56 23.38 -5.89
N ARG A 143 28.30 22.15 -5.46
CA ARG A 143 26.92 21.67 -5.37
C ARG A 143 26.12 22.53 -4.39
N GLU A 144 26.72 22.88 -3.25
CA GLU A 144 26.00 23.69 -2.27
C GLU A 144 25.70 25.08 -2.83
N LEU A 145 26.67 25.66 -3.56
CA LEU A 145 26.43 26.97 -4.15
C LEU A 145 25.34 26.92 -5.20
N ILE A 146 25.34 25.86 -6.04
CA ILE A 146 24.32 25.73 -7.06
C ILE A 146 22.94 25.53 -6.43
N ASN A 147 22.88 24.73 -5.36
CA ASN A 147 21.60 24.54 -4.68
C ASN A 147 21.11 25.83 -4.05
N SER A 148 22.02 26.62 -3.46
CA SER A 148 21.63 27.90 -2.88
C SER A 148 21.13 28.86 -3.97
N TRP A 149 21.79 28.89 -5.12
CA TRP A 149 21.33 29.74 -6.21
C TRP A 149 19.96 29.31 -6.70
N VAL A 150 19.75 27.99 -6.86
CA VAL A 150 18.46 27.49 -7.27
C VAL A 150 17.39 27.90 -6.26
N GLU A 151 17.67 27.70 -4.97
CA GLU A 151 16.72 28.02 -3.91
C GLU A 151 16.35 29.50 -3.95
N THR A 152 17.35 30.38 -4.09
CA THR A 152 17.06 31.81 -4.13
C THR A 152 16.27 32.18 -5.37
N GLN A 153 16.54 31.52 -6.50
CA GLN A 153 15.80 31.83 -7.72
C GLN A 153 14.38 31.29 -7.69
N THR A 154 14.11 30.26 -6.90
CA THR A 154 12.77 29.72 -6.74
C THR A 154 12.08 30.22 -5.48
N ASN A 155 12.64 31.24 -4.83
CA ASN A 155 12.05 31.85 -3.64
C ASN A 155 11.90 30.83 -2.52
N GLY A 156 12.88 29.93 -2.39
CA GLY A 156 12.89 28.96 -1.31
C GLY A 156 12.03 27.75 -1.51
N VAL A 157 11.50 27.53 -2.72
CA VAL A 157 10.63 26.38 -2.96
C VAL A 157 11.46 25.11 -3.12
N ILE A 158 12.52 25.19 -3.92
CA ILE A 158 13.34 24.04 -4.28
C ILE A 158 14.66 24.15 -3.53
N LYS A 159 14.75 23.46 -2.40
CA LYS A 159 15.96 23.45 -1.60
C LYS A 159 16.71 22.14 -1.83
N ASN A 160 18.05 22.22 -1.81
CA ASN A 160 18.90 21.05 -2.02
C ASN A 160 18.55 20.34 -3.33
N PHE A 161 18.52 21.11 -4.41
CA PHE A 161 18.05 20.60 -5.69
C PHE A 161 18.96 19.49 -6.22
N LEU A 162 20.27 19.73 -6.21
CA LEU A 162 21.23 18.73 -6.68
C LEU A 162 21.51 17.74 -5.56
N GLN A 163 21.10 16.50 -5.77
CA GLN A 163 21.34 15.46 -4.78
C GLN A 163 22.85 15.18 -4.65
N PRO A 164 23.29 14.70 -3.50
CA PRO A 164 24.69 14.31 -3.37
C PRO A 164 25.04 13.20 -4.36
N GLY A 165 26.30 13.17 -4.76
CA GLY A 165 26.77 12.24 -5.78
C GLY A 165 26.51 12.67 -7.20
N SER A 166 25.61 13.63 -7.42
CA SER A 166 25.39 14.15 -8.76
C SER A 166 26.67 14.77 -9.32
N VAL A 167 27.22 15.74 -8.60
CA VAL A 167 28.47 16.38 -9.00
C VAL A 167 29.63 15.67 -8.32
N ASP A 168 30.78 15.71 -8.99
CA ASP A 168 32.01 15.09 -8.49
C ASP A 168 33.18 15.74 -9.21
N PRO A 169 34.42 15.45 -8.79
CA PRO A 169 35.57 16.05 -9.50
C PRO A 169 35.60 15.76 -10.99
N GLN A 170 34.83 14.78 -11.48
CA GLN A 170 34.82 14.50 -12.91
C GLN A 170 33.92 15.48 -13.68
N THR A 171 32.83 15.93 -13.07
CA THR A 171 31.95 16.88 -13.75
C THR A 171 32.70 18.18 -14.05
N GLU A 172 32.47 18.71 -15.26
CA GLU A 172 33.19 19.89 -15.71
C GLU A 172 32.28 21.10 -15.94
N MET A 173 31.00 20.89 -16.21
CA MET A 173 30.09 22.00 -16.47
C MET A 173 28.68 21.62 -16.02
N VAL A 174 27.93 22.62 -15.56
CA VAL A 174 26.57 22.43 -15.07
C VAL A 174 25.71 23.58 -15.59
N LEU A 175 24.62 23.27 -16.26
CA LEU A 175 23.67 24.27 -16.75
C LEU A 175 22.37 24.10 -15.98
N VAL A 176 21.90 25.16 -15.33
CA VAL A 176 20.68 25.05 -14.54
C VAL A 176 19.80 26.28 -14.80
N ASP A 177 18.51 26.04 -14.99
CA ASP A 177 17.53 27.12 -15.04
C ASP A 177 16.42 26.85 -14.03
N ALA A 178 15.70 27.92 -13.68
CA ALA A 178 14.63 27.87 -12.70
C ALA A 178 13.51 28.80 -13.14
N ILE A 179 12.28 28.31 -13.03
CA ILE A 179 11.07 29.09 -13.29
C ILE A 179 10.30 29.21 -11.98
N TYR A 180 9.83 30.42 -11.70
CA TYR A 180 8.96 30.67 -10.55
C TYR A 180 7.76 31.48 -10.99
N PHE A 181 6.60 31.16 -10.42
CA PHE A 181 5.37 31.90 -10.73
C PHE A 181 4.44 31.86 -9.52
N LYS A 182 4.14 33.03 -8.98
CA LYS A 182 3.10 33.18 -7.97
C LYS A 182 2.04 34.12 -8.49
N GLY A 183 0.77 33.69 -8.42
CA GLY A 183 -0.30 34.49 -8.95
C GLY A 183 -1.58 34.32 -8.16
N THR A 184 -2.59 35.10 -8.55
CA THR A 184 -3.92 35.02 -7.96
C THR A 184 -4.92 34.65 -9.03
N TRP A 185 -6.04 34.06 -8.60
CA TRP A 185 -7.09 33.67 -9.53
C TRP A 185 -7.78 34.89 -10.11
N GLU A 186 -8.31 34.73 -11.33
CA GLU A 186 -9.23 35.72 -11.87
C GLU A 186 -10.42 35.89 -10.95
N LYS A 187 -11.10 34.78 -10.64
CA LYS A 187 -12.16 34.74 -9.64
C LYS A 187 -11.65 33.90 -8.47
N ALA A 188 -11.46 34.54 -7.33
CA ALA A 188 -10.86 33.87 -6.18
C ALA A 188 -11.84 32.91 -5.52
N PHE A 189 -11.29 32.00 -4.73
CA PHE A 189 -12.08 31.06 -3.94
C PHE A 189 -12.32 31.63 -2.56
N LYS A 190 -13.59 31.66 -2.14
CA LYS A 190 -13.91 32.11 -0.79
C LYS A 190 -13.47 31.05 0.22
N ASP A 191 -12.79 31.49 1.28
CA ASP A 191 -12.30 30.56 2.29
C ASP A 191 -13.44 29.85 3.00
N GLU A 192 -14.56 30.56 3.21
CA GLU A 192 -15.68 29.96 3.94
C GLU A 192 -16.34 28.85 3.13
N ASP A 193 -16.27 28.92 1.80
CA ASP A 193 -16.88 27.90 0.95
C ASP A 193 -16.07 26.61 0.89
N THR A 194 -14.85 26.61 1.44
CA THR A 194 -14.03 25.40 1.44
C THR A 194 -14.46 24.47 2.57
N GLN A 195 -14.74 23.21 2.23
CA GLN A 195 -15.18 22.22 3.20
C GLN A 195 -14.41 20.93 2.98
N GLU A 196 -14.48 20.03 3.95
CA GLU A 196 -13.79 18.74 3.83
C GLU A 196 -14.67 17.79 3.03
N VAL A 197 -14.15 17.32 1.90
CA VAL A 197 -14.92 16.49 0.98
C VAL A 197 -14.09 15.25 0.65
N PRO A 198 -14.71 14.07 0.53
CA PRO A 198 -13.93 12.87 0.16
C PRO A 198 -13.42 12.95 -1.26
N PHE A 199 -12.15 12.63 -1.44
CA PHE A 199 -11.51 12.56 -2.75
C PHE A 199 -11.40 11.10 -3.17
N ARG A 200 -12.08 10.74 -4.25
CA ARG A 200 -12.22 9.34 -4.67
C ARG A 200 -11.00 8.96 -5.50
N ILE A 201 -9.97 8.44 -4.82
CA ILE A 201 -8.80 7.93 -5.53
C ILE A 201 -9.18 6.73 -6.39
N THR A 202 -9.82 5.74 -5.79
CA THR A 202 -10.43 4.63 -6.51
C THR A 202 -11.93 4.60 -6.20
N GLU A 203 -12.61 3.61 -6.78
CA GLU A 203 -14.07 3.57 -6.67
C GLU A 203 -14.53 3.30 -5.25
N GLN A 204 -13.79 2.47 -4.51
CA GLN A 204 -14.20 2.07 -3.17
C GLN A 204 -13.42 2.77 -2.06
N GLU A 205 -12.14 3.09 -2.29
CA GLU A 205 -11.33 3.77 -1.29
C GLU A 205 -11.17 5.24 -1.65
N SER A 206 -11.34 6.10 -0.65
CA SER A 206 -11.29 7.54 -0.86
C SER A 206 -10.75 8.21 0.40
N LYS A 207 -9.92 9.24 0.23
CA LYS A 207 -9.37 9.96 1.36
C LYS A 207 -9.87 11.40 1.37
N PRO A 208 -10.07 11.99 2.55
CA PRO A 208 -10.65 13.34 2.61
C PRO A 208 -9.65 14.42 2.25
N VAL A 209 -10.14 15.45 1.55
CA VAL A 209 -9.32 16.57 1.11
C VAL A 209 -10.12 17.86 1.30
N GLN A 210 -9.42 18.95 1.59
CA GLN A 210 -10.03 20.27 1.59
C GLN A 210 -10.44 20.65 0.18
N MET A 211 -11.69 21.08 0.01
CA MET A 211 -12.27 21.36 -1.29
C MET A 211 -12.83 22.77 -1.29
N MET A 212 -12.27 23.63 -2.13
CA MET A 212 -12.78 24.97 -2.35
C MET A 212 -13.93 24.93 -3.34
N TYR A 213 -14.88 25.84 -3.17
CA TYR A 213 -16.04 25.93 -4.03
C TYR A 213 -16.25 27.37 -4.49
N GLN A 214 -16.70 27.53 -5.74
CA GLN A 214 -17.16 28.83 -6.20
C GLN A 214 -18.06 28.65 -7.40
N ALA A 215 -18.98 29.59 -7.60
CA ALA A 215 -19.91 29.55 -8.72
C ALA A 215 -19.73 30.78 -9.59
N GLY A 216 -19.86 30.59 -10.89
CA GLY A 216 -19.79 31.72 -11.80
C GLY A 216 -19.53 31.31 -13.23
N SER A 217 -19.19 32.31 -14.04
CA SER A 217 -18.95 32.11 -15.47
C SER A 217 -17.56 31.52 -15.67
N PHE A 218 -17.50 30.34 -16.30
CA PHE A 218 -16.23 29.68 -16.54
C PHE A 218 -16.21 29.06 -17.93
N LYS A 219 -15.00 28.91 -18.47
CA LYS A 219 -14.81 28.33 -19.80
C LYS A 219 -14.62 26.82 -19.65
N VAL A 220 -15.65 26.06 -20.01
CA VAL A 220 -15.64 24.61 -19.91
C VAL A 220 -15.93 24.05 -21.30
N ALA A 221 -15.21 22.98 -21.65
CA ALA A 221 -15.43 22.24 -22.89
C ALA A 221 -15.66 20.78 -22.56
N THR A 222 -16.75 20.21 -23.05
CA THR A 222 -17.10 18.82 -22.80
C THR A 222 -16.83 18.00 -24.05
N VAL A 223 -15.94 17.03 -23.94
CA VAL A 223 -15.63 16.10 -25.02
C VAL A 223 -16.25 14.76 -24.66
N ALA A 224 -17.33 14.41 -25.35
CA ALA A 224 -18.00 13.14 -25.10
C ALA A 224 -17.29 11.98 -25.78
N ALA A 225 -16.56 12.26 -26.87
CA ALA A 225 -15.79 11.21 -27.53
C ALA A 225 -14.72 10.62 -26.61
N GLU A 226 -14.19 11.44 -25.70
CA GLU A 226 -13.22 10.98 -24.72
C GLU A 226 -13.79 10.88 -23.31
N LYS A 227 -15.09 11.19 -23.14
CA LYS A 227 -15.77 11.09 -21.85
C LYS A 227 -15.04 11.91 -20.78
N MET A 228 -14.90 13.20 -21.06
CA MET A 228 -14.10 14.05 -20.19
C MET A 228 -14.43 15.52 -20.43
N LYS A 229 -14.38 16.31 -19.37
CA LYS A 229 -14.60 17.75 -19.45
C LYS A 229 -13.34 18.50 -19.02
N ILE A 230 -13.09 19.63 -19.67
CA ILE A 230 -11.97 20.51 -19.35
C ILE A 230 -12.52 21.83 -18.83
N LEU A 231 -11.95 22.31 -17.73
CA LEU A 231 -12.29 23.59 -17.14
C LEU A 231 -11.06 24.48 -17.14
N GLU A 232 -11.24 25.73 -17.55
CA GLU A 232 -10.14 26.70 -17.60
C GLU A 232 -10.34 27.72 -16.49
N LEU A 233 -9.40 27.78 -15.55
CA LEU A 233 -9.40 28.79 -14.50
C LEU A 233 -8.33 29.82 -14.83
N PRO A 234 -8.69 30.99 -15.36
CA PRO A 234 -7.69 32.03 -15.61
C PRO A 234 -7.16 32.58 -14.30
N TYR A 235 -5.89 32.97 -14.34
CA TYR A 235 -5.27 33.63 -13.19
C TYR A 235 -5.51 35.13 -13.29
N ALA A 236 -4.78 35.91 -12.50
CA ALA A 236 -4.89 37.37 -12.57
C ALA A 236 -4.38 37.87 -13.92
N SER A 237 -5.13 38.78 -14.53
CA SER A 237 -4.82 39.45 -15.78
C SER A 237 -4.96 38.54 -17.01
N GLY A 238 -5.45 37.32 -16.83
CA GLY A 238 -5.73 36.44 -17.95
C GLY A 238 -4.54 36.08 -18.81
N GLU A 239 -3.33 36.27 -18.31
CA GLU A 239 -2.13 35.90 -19.05
C GLU A 239 -1.71 34.46 -18.79
N LEU A 240 -2.02 33.92 -17.63
CA LEU A 240 -1.80 32.52 -17.31
C LEU A 240 -3.11 31.89 -16.87
N SER A 241 -3.35 30.66 -17.30
CA SER A 241 -4.56 29.94 -16.93
C SER A 241 -4.21 28.50 -16.62
N MET A 242 -4.94 27.94 -15.66
CA MET A 242 -4.79 26.53 -15.29
C MET A 242 -5.92 25.72 -15.89
N PHE A 243 -5.56 24.70 -16.65
CA PHE A 243 -6.54 23.80 -17.26
C PHE A 243 -6.64 22.52 -16.42
N VAL A 244 -7.86 22.14 -16.08
CA VAL A 244 -8.12 20.89 -15.38
C VAL A 244 -9.01 20.06 -16.30
N LEU A 245 -8.44 19.02 -16.89
CA LEU A 245 -9.23 18.06 -17.65
C LEU A 245 -9.47 16.83 -16.79
N LEU A 246 -10.71 16.36 -16.82
CA LEU A 246 -11.20 15.39 -15.85
C LEU A 246 -12.13 14.41 -16.52
N PRO A 247 -11.85 13.11 -16.44
CA PRO A 247 -12.78 12.12 -17.00
C PRO A 247 -14.01 11.98 -16.12
N ASP A 248 -15.15 11.72 -16.78
CA ASP A 248 -16.41 11.59 -16.07
C ASP A 248 -16.34 10.46 -15.04
N ASP A 249 -15.83 9.30 -15.46
CA ASP A 249 -15.54 8.20 -14.55
C ASP A 249 -14.04 8.19 -14.23
N ILE A 250 -13.70 7.62 -13.07
CA ILE A 250 -12.29 7.53 -12.71
C ILE A 250 -11.55 6.62 -13.68
N SER A 251 -12.18 5.52 -14.09
CA SER A 251 -11.54 4.53 -14.95
C SER A 251 -11.12 5.11 -16.29
N GLY A 252 -11.76 6.20 -16.73
CA GLY A 252 -11.40 6.79 -17.99
C GLY A 252 -10.03 7.43 -17.99
N LEU A 253 -9.53 7.82 -16.81
CA LEU A 253 -8.29 8.59 -16.73
C LEU A 253 -7.17 7.93 -17.51
N GLU A 254 -6.96 6.62 -17.29
CA GLU A 254 -5.94 5.88 -18.01
C GLU A 254 -6.04 6.12 -19.51
N GLN A 255 -7.22 5.85 -20.09
CA GLN A 255 -7.44 6.09 -21.51
C GLN A 255 -7.00 7.48 -21.91
N LEU A 256 -7.39 8.49 -21.13
CA LEU A 256 -7.01 9.86 -21.43
C LEU A 256 -5.50 10.00 -21.55
N GLU A 257 -4.77 9.47 -20.56
CA GLU A 257 -3.32 9.60 -20.57
C GLU A 257 -2.70 9.00 -21.83
N THR A 258 -3.36 8.00 -22.42
CA THR A 258 -2.81 7.39 -23.63
C THR A 258 -3.20 8.16 -24.89
N THR A 259 -4.36 8.83 -24.87
CA THR A 259 -4.84 9.50 -26.07
C THR A 259 -4.55 10.99 -26.08
N ILE A 260 -3.96 11.53 -25.02
CA ILE A 260 -3.63 12.95 -24.98
C ILE A 260 -2.46 13.23 -25.89
N SER A 261 -2.53 14.35 -26.60
CA SER A 261 -1.49 14.73 -27.55
C SER A 261 -1.62 16.22 -27.83
N ILE A 262 -0.57 16.79 -28.44
CA ILE A 262 -0.59 18.21 -28.76
C ILE A 262 -1.74 18.52 -29.71
N GLU A 263 -1.98 17.64 -30.68
CA GLU A 263 -3.08 17.86 -31.62
C GLU A 263 -4.43 17.67 -30.96
N LYS A 264 -4.57 16.63 -30.14
CA LYS A 264 -5.83 16.44 -29.41
C LYS A 264 -6.06 17.54 -28.41
N LEU A 265 -5.01 18.01 -27.74
CA LEU A 265 -5.16 19.13 -26.82
C LEU A 265 -5.57 20.40 -27.57
N SER A 266 -4.99 20.62 -28.75
CA SER A 266 -5.41 21.75 -29.58
C SER A 266 -6.87 21.65 -29.95
N GLU A 267 -7.35 20.43 -30.25
CA GLU A 267 -8.77 20.25 -30.53
C GLU A 267 -9.63 20.59 -29.32
N TRP A 268 -9.25 20.07 -28.15
CA TRP A 268 -10.12 20.19 -26.97
C TRP A 268 -10.12 21.60 -26.41
N THR A 269 -8.99 22.32 -26.49
CA THR A 269 -8.90 23.68 -26.00
C THR A 269 -9.22 24.73 -27.07
N SER A 270 -9.88 24.33 -28.15
CA SER A 270 -10.27 25.28 -29.19
C SER A 270 -11.24 26.30 -28.63
N SER A 271 -11.16 27.53 -29.15
CA SER A 271 -11.99 28.61 -28.64
C SER A 271 -13.48 28.31 -28.84
N ASN A 272 -13.85 27.65 -29.93
CA ASN A 272 -15.23 27.26 -30.13
C ASN A 272 -15.60 26.02 -29.33
N MET A 273 -14.62 25.18 -28.97
CA MET A 273 -14.89 24.05 -28.10
C MET A 273 -15.11 24.50 -26.67
N MET A 274 -14.26 25.41 -26.18
CA MET A 274 -14.45 26.00 -24.87
C MET A 274 -15.66 26.94 -24.90
N GLU A 275 -16.60 26.73 -23.98
CA GLU A 275 -17.80 27.54 -23.89
C GLU A 275 -17.90 28.18 -22.52
N ASP A 276 -18.26 29.45 -22.48
CA ASP A 276 -18.58 30.11 -21.22
C ASP A 276 -19.92 29.57 -20.71
N ARG A 277 -19.93 29.09 -19.48
CA ARG A 277 -21.16 28.62 -18.88
C ARG A 277 -21.17 28.93 -17.39
N LYS A 278 -22.38 29.06 -16.85
CA LYS A 278 -22.59 29.16 -15.41
C LYS A 278 -22.27 27.81 -14.78
N MET A 279 -21.26 27.78 -13.92
CA MET A 279 -20.76 26.52 -13.41
C MET A 279 -20.50 26.60 -11.92
N LYS A 280 -20.78 25.50 -11.24
CA LYS A 280 -20.29 25.26 -9.88
C LYS A 280 -18.95 24.54 -9.98
N VAL A 281 -17.93 25.08 -9.32
CA VAL A 281 -16.57 24.60 -9.44
C VAL A 281 -16.09 24.18 -8.06
N TYR A 282 -15.77 22.89 -7.94
CA TYR A 282 -15.15 22.31 -6.75
C TYR A 282 -13.71 21.96 -7.10
N LEU A 283 -12.75 22.52 -6.37
CA LEU A 283 -11.33 22.31 -6.66
C LEU A 283 -10.60 22.06 -5.36
N PRO A 284 -9.81 20.99 -5.25
CA PRO A 284 -9.14 20.69 -3.98
C PRO A 284 -7.84 21.47 -3.82
N HIS A 285 -7.47 21.69 -2.55
CA HIS A 285 -6.13 22.17 -2.24
C HIS A 285 -5.11 21.19 -2.80
N MET A 286 -4.09 21.71 -3.48
CA MET A 286 -3.11 20.83 -4.10
C MET A 286 -1.70 21.25 -3.73
N LYS A 287 -0.93 20.32 -3.19
CA LYS A 287 0.51 20.51 -2.99
C LYS A 287 1.20 19.30 -3.61
N ILE A 288 1.78 19.49 -4.79
CA ILE A 288 2.31 18.39 -5.59
C ILE A 288 3.76 18.71 -5.91
N GLU A 289 4.68 17.89 -5.41
CA GLU A 289 6.12 18.08 -5.60
C GLU A 289 6.72 16.79 -6.11
N GLU A 290 7.53 16.87 -7.17
CA GLU A 290 8.24 15.69 -7.63
C GLU A 290 9.63 16.08 -8.14
N LYS A 291 10.51 15.09 -8.19
CA LYS A 291 11.87 15.24 -8.68
C LYS A 291 12.26 13.99 -9.44
N TYR A 292 12.81 14.16 -10.64
CA TYR A 292 13.12 13.05 -11.53
C TYR A 292 14.53 13.19 -12.08
N ASN A 293 15.05 12.06 -12.56
CA ASN A 293 16.29 12.01 -13.34
C ASN A 293 15.89 11.57 -14.75
N LEU A 294 15.96 12.50 -15.70
CA LEU A 294 15.39 12.31 -17.02
C LEU A 294 16.36 11.67 -18.01
N THR A 295 17.52 11.20 -17.55
CA THR A 295 18.49 10.59 -18.45
C THR A 295 17.89 9.43 -19.22
N SER A 296 17.24 8.49 -18.50
CA SER A 296 16.62 7.36 -19.16
C SER A 296 15.50 7.79 -20.10
N VAL A 297 14.70 8.77 -19.67
CA VAL A 297 13.57 9.22 -20.49
C VAL A 297 14.08 9.89 -21.76
N LEU A 298 15.09 10.76 -21.64
CA LEU A 298 15.63 11.43 -22.82
C LEU A 298 16.30 10.44 -23.75
N VAL A 299 17.01 9.45 -23.20
CA VAL A 299 17.62 8.42 -24.04
C VAL A 299 16.55 7.64 -24.80
N ALA A 300 15.45 7.31 -24.11
CA ALA A 300 14.38 6.55 -24.77
C ALA A 300 13.69 7.38 -25.85
N LEU A 301 13.63 8.70 -25.68
CA LEU A 301 12.98 9.53 -26.70
C LEU A 301 13.83 9.65 -27.96
N GLY A 302 15.15 9.51 -27.83
CA GLY A 302 16.00 9.55 -28.99
C GLY A 302 17.26 10.38 -28.82
N MET A 303 17.69 10.59 -27.58
CA MET A 303 18.92 11.33 -27.28
C MET A 303 20.04 10.36 -26.94
N THR A 304 20.29 9.40 -27.83
CA THR A 304 21.26 8.35 -27.54
C THR A 304 22.70 8.88 -27.63
N ASP A 305 23.01 9.63 -28.70
CA ASP A 305 24.37 10.12 -28.89
C ASP A 305 24.79 11.09 -27.80
N LEU A 306 23.84 11.85 -27.24
CA LEU A 306 24.20 12.89 -26.28
C LEU A 306 24.85 12.30 -25.03
N PHE A 307 24.25 11.25 -24.47
CA PHE A 307 24.73 10.66 -23.23
C PHE A 307 25.80 9.60 -23.45
N SER A 308 26.11 9.26 -24.69
CA SER A 308 27.16 8.33 -25.05
C SER A 308 28.51 9.05 -25.15
N PRO A 309 29.62 8.32 -25.06
CA PRO A 309 30.93 8.96 -25.21
C PRO A 309 31.19 9.55 -26.59
N SER A 310 30.34 9.28 -27.58
CA SER A 310 30.48 9.81 -28.92
C SER A 310 29.78 11.16 -29.09
N ALA A 311 29.34 11.78 -28.01
CA ALA A 311 28.63 13.05 -28.10
C ALA A 311 29.55 14.15 -28.59
N ASN A 312 29.12 14.85 -29.63
CA ASN A 312 29.87 15.97 -30.19
C ASN A 312 29.27 17.26 -29.60
N LEU A 313 29.96 17.81 -28.60
CA LEU A 313 29.62 19.11 -28.03
C LEU A 313 30.72 20.13 -28.35
N SER A 314 31.20 20.12 -29.59
CA SER A 314 32.30 20.99 -29.98
C SER A 314 31.94 22.46 -29.85
N GLY A 315 30.67 22.81 -30.04
CA GLY A 315 30.26 24.20 -29.92
C GLY A 315 30.41 24.77 -28.52
N ILE A 316 30.50 23.92 -27.50
CA ILE A 316 30.69 24.40 -26.15
C ILE A 316 32.17 24.62 -25.85
N SER A 317 33.00 23.61 -26.13
CA SER A 317 34.42 23.67 -25.87
C SER A 317 35.17 23.18 -27.09
N THR A 318 36.04 24.04 -27.64
CA THR A 318 36.82 23.66 -28.82
C THR A 318 37.79 22.52 -28.51
N ALA A 319 38.23 22.41 -27.26
CA ALA A 319 39.10 21.31 -26.83
C ALA A 319 38.46 20.61 -25.64
N GLN A 320 38.92 19.39 -25.40
CA GLN A 320 38.41 18.55 -24.31
C GLN A 320 36.89 18.38 -24.43
N THR A 321 36.47 17.73 -25.51
CA THR A 321 35.05 17.50 -25.74
C THR A 321 34.47 16.62 -24.64
N LEU A 322 33.22 16.90 -24.27
CA LEU A 322 32.57 16.24 -23.14
C LEU A 322 31.19 15.75 -23.55
N LYS A 323 30.47 15.18 -22.58
CA LYS A 323 29.16 14.59 -22.82
C LYS A 323 28.36 14.63 -21.52
N MET A 324 27.04 14.68 -21.66
CA MET A 324 26.15 14.80 -20.51
C MET A 324 26.08 13.48 -19.75
N SER A 325 26.02 13.58 -18.42
CA SER A 325 25.89 12.42 -17.54
C SER A 325 24.55 12.39 -16.82
N GLU A 326 24.09 13.50 -16.27
CA GLU A 326 22.86 13.55 -15.50
C GLU A 326 22.02 14.75 -15.91
N ALA A 327 20.70 14.56 -15.90
CA ALA A 327 19.73 15.61 -16.24
C ALA A 327 18.62 15.54 -15.19
N ILE A 328 18.78 16.27 -14.09
CA ILE A 328 17.84 16.27 -12.98
C ILE A 328 16.80 17.36 -13.21
N HIS A 329 15.58 17.10 -12.74
CA HIS A 329 14.50 18.04 -12.88
C HIS A 329 13.61 17.97 -11.63
N GLY A 330 13.02 19.11 -11.27
CA GLY A 330 12.15 19.16 -10.13
C GLY A 330 11.02 20.15 -10.32
N ALA A 331 9.82 19.81 -9.85
CA ALA A 331 8.65 20.66 -10.03
C ALA A 331 7.81 20.68 -8.76
N TYR A 332 7.22 21.84 -8.48
CA TYR A 332 6.37 22.05 -7.31
C TYR A 332 5.19 22.93 -7.70
N VAL A 333 4.01 22.54 -7.25
CA VAL A 333 2.78 23.27 -7.51
C VAL A 333 1.95 23.31 -6.24
N GLU A 334 1.42 24.48 -5.89
CA GLU A 334 0.49 24.62 -4.77
C GLU A 334 -0.68 25.48 -5.20
N ILE A 335 -1.88 24.90 -5.12
CA ILE A 335 -3.14 25.57 -5.43
C ILE A 335 -3.93 25.70 -4.13
N TYR A 336 -4.36 26.93 -3.84
CA TYR A 336 -5.15 27.27 -2.65
C TYR A 336 -6.24 28.24 -3.08
N GLU A 337 -6.89 28.88 -2.11
CA GLU A 337 -8.04 29.72 -2.40
C GLU A 337 -7.63 31.03 -3.08
N ALA A 338 -6.65 31.72 -2.52
CA ALA A 338 -6.29 33.04 -3.04
C ALA A 338 -5.71 32.94 -4.45
N GLY A 339 -4.78 32.02 -4.66
CA GLY A 339 -4.15 31.87 -5.95
C GLY A 339 -3.33 30.60 -6.08
N SER A 340 -2.07 30.75 -6.48
CA SER A 340 -1.20 29.60 -6.68
C SER A 340 0.26 30.02 -6.58
N GLU A 341 1.09 29.07 -6.16
CA GLU A 341 2.53 29.24 -6.06
C GLU A 341 3.20 28.02 -6.68
N MET A 342 4.02 28.25 -7.72
CA MET A 342 4.59 27.16 -8.49
C MET A 342 6.03 27.48 -8.83
N ALA A 343 6.84 26.43 -8.99
CA ALA A 343 8.25 26.63 -9.28
C ALA A 343 8.90 25.32 -9.69
N THR A 344 9.74 25.40 -10.72
CA THR A 344 10.52 24.25 -11.17
C THR A 344 11.96 24.64 -11.41
N SER A 345 12.81 23.62 -11.51
CA SER A 345 14.21 23.78 -11.86
C SER A 345 14.66 22.61 -12.70
N THR A 346 15.52 22.88 -13.67
CA THR A 346 16.10 21.84 -14.52
C THR A 346 17.60 22.04 -14.60
N GLY A 347 18.36 21.01 -14.26
CA GLY A 347 19.81 21.09 -14.28
C GLY A 347 20.47 19.90 -14.95
N VAL A 348 21.38 20.17 -15.87
CA VAL A 348 22.09 19.14 -16.62
C VAL A 348 23.58 19.32 -16.39
N LEU A 349 24.29 18.22 -16.12
CA LEU A 349 25.72 18.28 -15.85
C LEU A 349 26.49 17.43 -16.86
N VAL A 350 27.49 18.05 -17.47
CA VAL A 350 28.30 17.45 -18.52
C VAL A 350 29.56 16.86 -17.91
N GLU A 351 30.01 15.73 -18.43
CA GLU A 351 31.10 14.98 -17.80
C GLU A 351 31.81 14.15 -18.86
N ALA A 352 32.56 13.14 -18.43
CA ALA A 352 33.22 12.22 -19.34
C ALA A 352 33.52 10.94 -18.57
N ALA A 353 32.72 9.90 -18.82
CA ALA A 353 32.88 8.62 -18.16
C ALA A 353 32.47 7.51 -19.10
N SER A 354 32.71 6.27 -18.68
CA SER A 354 32.43 5.11 -19.54
C SER A 354 31.73 3.98 -18.79
N VAL A 355 32.46 3.30 -17.90
CA VAL A 355 31.92 2.11 -17.25
C VAL A 355 31.03 2.50 -16.08
N SER A 356 30.19 1.54 -15.65
CA SER A 356 29.27 1.78 -14.55
C SER A 356 30.03 2.17 -13.29
N GLU A 357 29.64 3.29 -12.69
CA GLU A 357 30.41 3.92 -11.62
C GLU A 357 29.64 4.04 -10.31
N GLU A 358 28.57 3.27 -10.15
CA GLU A 358 27.75 3.36 -8.96
C GLU A 358 27.32 1.96 -8.51
N PHE A 359 27.01 1.85 -7.22
CA PHE A 359 26.31 0.72 -6.66
C PHE A 359 25.05 1.26 -5.99
N ARG A 360 24.12 1.73 -6.81
CA ARG A 360 22.90 2.34 -6.29
C ARG A 360 21.91 1.24 -5.92
N VAL A 361 21.45 1.26 -4.68
CA VAL A 361 20.53 0.27 -4.13
C VAL A 361 19.14 0.91 -4.19
N ASP A 362 18.47 0.77 -5.34
CA ASP A 362 17.16 1.38 -5.55
C ASP A 362 16.08 0.39 -5.92
N HIS A 363 16.37 -0.91 -5.88
CA HIS A 363 15.39 -1.96 -6.10
C HIS A 363 15.61 -3.06 -5.08
N PRO A 364 14.59 -3.89 -4.81
CA PRO A 364 14.72 -4.92 -3.76
C PRO A 364 15.96 -5.79 -3.94
N PHE A 365 16.50 -6.24 -2.81
CA PHE A 365 17.80 -6.91 -2.87
C PHE A 365 17.92 -7.95 -1.77
N LEU A 366 18.88 -8.84 -1.98
CA LEU A 366 19.28 -9.84 -1.00
C LEU A 366 20.45 -9.30 -0.20
N PHE A 367 20.29 -9.20 1.11
CA PHE A 367 21.36 -8.76 1.99
C PHE A 367 21.70 -9.86 2.98
N LEU A 368 22.96 -9.89 3.40
CA LEU A 368 23.39 -10.84 4.40
C LEU A 368 24.53 -10.23 5.21
N ILE A 369 24.53 -10.56 6.50
CA ILE A 369 25.50 -10.08 7.47
C ILE A 369 26.22 -11.31 8.02
N LYS A 370 27.52 -11.39 7.76
CA LYS A 370 28.34 -12.57 8.03
C LYS A 370 29.41 -12.26 9.06
N HIS A 371 29.66 -13.23 9.94
CA HIS A 371 30.76 -13.17 10.89
C HIS A 371 32.00 -13.74 10.22
N ASN A 372 32.91 -12.85 9.81
CA ASN A 372 34.08 -13.29 9.04
C ASN A 372 34.98 -14.29 9.79
N PRO A 373 35.27 -14.16 11.08
CA PRO A 373 36.08 -15.20 11.74
C PRO A 373 35.45 -16.57 11.71
N SER A 374 34.15 -16.66 11.96
CA SER A 374 33.45 -17.94 11.93
C SER A 374 32.96 -18.33 10.55
N ASN A 375 32.94 -17.38 9.61
CA ASN A 375 32.34 -17.59 8.29
C ASN A 375 30.92 -18.13 8.41
N SER A 376 30.18 -17.58 9.37
CA SER A 376 28.78 -17.93 9.59
C SER A 376 27.91 -16.71 9.29
N ILE A 377 26.73 -16.96 8.73
CA ILE A 377 25.80 -15.91 8.38
C ILE A 377 24.97 -15.57 9.62
N LEU A 378 25.26 -14.42 10.24
CA LEU A 378 24.45 -13.98 11.36
C LEU A 378 23.04 -13.62 10.90
N PHE A 379 22.92 -12.96 9.75
CA PHE A 379 21.61 -12.55 9.26
C PHE A 379 21.53 -12.70 7.76
N PHE A 380 20.37 -13.10 7.26
CA PHE A 380 20.13 -13.16 5.83
C PHE A 380 18.70 -12.72 5.57
N GLY A 381 18.48 -12.00 4.47
CA GLY A 381 17.15 -11.53 4.18
C GLY A 381 17.02 -10.99 2.77
N ARG A 382 15.78 -10.95 2.31
CA ARG A 382 15.38 -10.21 1.13
C ARG A 382 14.56 -9.01 1.58
N CYS A 383 14.86 -7.84 1.05
CA CYS A 383 14.00 -6.69 1.31
C CYS A 383 13.49 -6.13 0.00
N ILE A 384 12.17 -5.88 -0.03
CA ILE A 384 11.50 -5.25 -1.15
C ILE A 384 11.24 -3.78 -0.88
N PHE A 385 10.97 -3.42 0.38
CA PHE A 385 10.83 -2.04 0.80
C PHE A 385 11.50 -1.93 2.17
N PRO A 386 12.41 -0.98 2.35
CA PRO A 386 13.21 -0.93 3.58
C PRO A 386 12.60 -0.09 4.69
N HIS A 387 11.30 0.19 4.61
CA HIS A 387 10.67 1.06 5.61
C HIS A 387 9.28 0.55 5.93
N HIS A 388 8.87 0.69 7.19
CA HIS A 388 7.54 0.31 7.63
C HIS A 388 7.13 1.07 8.88
N GLY B 2 34.79 -30.47 8.23
CA GLY B 2 33.81 -29.42 8.05
C GLY B 2 33.66 -28.51 9.25
N SER B 3 32.96 -27.40 9.06
CA SER B 3 32.70 -26.45 10.12
C SER B 3 31.21 -26.18 10.23
N ILE B 4 30.79 -25.71 11.40
CA ILE B 4 29.37 -25.42 11.63
C ILE B 4 28.94 -24.11 10.99
N GLY B 5 29.88 -23.23 10.64
CA GLY B 5 29.52 -22.08 9.82
C GLY B 5 29.00 -22.50 8.45
N ALA B 6 29.62 -23.52 7.85
CA ALA B 6 29.16 -24.02 6.56
C ALA B 6 27.80 -24.71 6.70
N ALA B 7 27.59 -25.43 7.80
CA ALA B 7 26.27 -25.99 8.08
C ALA B 7 25.23 -24.88 8.18
N SER B 8 25.57 -23.80 8.87
CA SER B 8 24.66 -22.65 8.97
C SER B 8 24.37 -22.08 7.59
N THR B 9 25.38 -21.99 6.73
CA THR B 9 25.17 -21.48 5.38
C THR B 9 24.19 -22.34 4.59
N GLU B 10 24.46 -23.65 4.55
CA GLU B 10 23.62 -24.54 3.75
C GLU B 10 22.20 -24.58 4.29
N PHE B 11 22.06 -24.63 5.63
CA PHE B 11 20.73 -24.56 6.22
C PHE B 11 20.04 -23.25 5.90
N CYS B 12 20.78 -22.14 5.95
CA CYS B 12 20.23 -20.84 5.59
C CYS B 12 19.59 -20.87 4.22
N PHE B 13 20.33 -21.39 3.23
CA PHE B 13 19.82 -21.30 1.87
C PHE B 13 18.71 -22.32 1.59
N ASP B 14 18.81 -23.53 2.16
CA ASP B 14 17.70 -24.47 2.04
C ASP B 14 16.42 -23.90 2.67
N MET B 15 16.55 -23.36 3.87
CA MET B 15 15.41 -22.76 4.56
C MET B 15 14.87 -21.55 3.81
N PHE B 16 15.74 -20.78 3.15
CA PHE B 16 15.25 -19.65 2.36
C PHE B 16 14.44 -20.14 1.16
N LYS B 17 14.94 -21.17 0.47
CA LYS B 17 14.19 -21.76 -0.63
C LYS B 17 12.82 -22.24 -0.16
N GLU B 18 12.74 -22.80 1.04
CA GLU B 18 11.45 -23.25 1.54
C GLU B 18 10.57 -22.09 2.02
N LEU B 19 11.17 -21.04 2.57
CA LEU B 19 10.41 -19.94 3.15
C LEU B 19 9.81 -19.01 2.09
N LYS B 20 10.58 -18.71 1.04
CA LYS B 20 10.14 -17.70 0.08
C LYS B 20 8.86 -18.09 -0.65
N VAL B 21 8.51 -19.37 -0.69
CA VAL B 21 7.34 -19.80 -1.44
C VAL B 21 6.04 -19.37 -0.76
N HIS B 22 6.09 -18.98 0.51
CA HIS B 22 4.91 -18.55 1.24
C HIS B 22 4.94 -17.05 1.58
N HIS B 23 5.95 -16.33 1.09
CA HIS B 23 6.08 -14.89 1.37
C HIS B 23 6.52 -14.16 0.11
N VAL B 24 5.70 -14.23 -0.95
CA VAL B 24 6.02 -13.56 -2.19
C VAL B 24 5.75 -12.07 -2.05
N ASN B 25 6.62 -11.25 -2.66
CA ASN B 25 6.50 -9.79 -2.61
C ASN B 25 6.42 -9.29 -1.18
N GLU B 26 7.25 -9.85 -0.30
CA GLU B 26 7.26 -9.49 1.11
C GLU B 26 8.70 -9.51 1.62
N ASN B 27 8.95 -8.70 2.63
CA ASN B 27 10.28 -8.67 3.24
C ASN B 27 10.55 -9.97 3.99
N ILE B 28 11.81 -10.41 3.95
CA ILE B 28 12.24 -11.61 4.65
C ILE B 28 13.50 -11.27 5.44
N ILE B 29 13.60 -11.80 6.65
CA ILE B 29 14.80 -11.67 7.48
C ILE B 29 14.81 -12.76 8.54
N TYR B 30 15.93 -13.45 8.67
CA TYR B 30 16.08 -14.47 9.70
C TYR B 30 17.57 -14.67 9.98
N SER B 31 17.86 -15.34 11.09
CA SER B 31 19.24 -15.56 11.52
C SER B 31 19.59 -17.04 11.43
N PRO B 32 20.38 -17.45 10.44
CA PRO B 32 20.75 -18.86 10.34
C PRO B 32 21.49 -19.37 11.56
N LEU B 33 22.36 -18.55 12.14
CA LEU B 33 23.19 -19.01 13.25
C LEU B 33 22.35 -19.34 14.48
N SER B 34 21.41 -18.47 14.84
CA SER B 34 20.60 -18.71 16.04
C SER B 34 19.69 -19.93 15.87
N ILE B 35 19.06 -20.04 14.69
CA ILE B 35 18.22 -21.20 14.41
C ILE B 35 19.04 -22.48 14.49
N ILE B 36 20.22 -22.47 13.86
CA ILE B 36 21.07 -23.66 13.87
C ILE B 36 21.52 -23.99 15.29
N SER B 37 21.81 -22.96 16.09
CA SER B 37 22.28 -23.19 17.46
C SER B 37 21.19 -23.84 18.31
N ILE B 38 19.96 -23.30 18.26
CA ILE B 38 18.87 -23.88 19.04
C ILE B 38 18.53 -25.28 18.53
N LEU B 39 18.54 -25.45 17.20
CA LEU B 39 18.26 -26.76 16.64
C LEU B 39 19.32 -27.77 17.00
N SER B 40 20.58 -27.34 17.18
CA SER B 40 21.61 -28.25 17.64
C SER B 40 21.44 -28.58 19.11
N MET B 41 21.00 -27.59 19.91
CA MET B 41 20.61 -27.87 21.29
C MET B 41 19.59 -28.99 21.35
N VAL B 42 18.60 -28.97 20.45
CA VAL B 42 17.62 -30.05 20.42
C VAL B 42 18.24 -31.31 19.84
N PHE B 43 19.13 -31.16 18.86
CA PHE B 43 19.76 -32.30 18.19
C PHE B 43 20.57 -33.15 19.16
N LEU B 44 21.18 -32.53 20.16
CA LEU B 44 21.90 -33.31 21.17
C LEU B 44 20.97 -34.29 21.87
N GLY B 45 19.75 -33.85 22.20
CA GLY B 45 18.83 -34.71 22.91
C GLY B 45 18.14 -35.74 22.04
N ALA B 46 17.93 -35.41 20.77
CA ALA B 46 17.28 -36.35 19.85
C ALA B 46 18.15 -37.59 19.68
N ARG B 47 17.50 -38.75 19.62
CA ARG B 47 18.18 -40.02 19.43
C ARG B 47 17.46 -40.81 18.33
N GLU B 48 18.17 -41.81 17.80
CA GLU B 48 17.63 -42.78 16.83
C GLU B 48 17.24 -42.03 15.56
N ASN B 49 16.01 -42.19 15.06
CA ASN B 49 15.67 -41.63 13.76
C ASN B 49 15.51 -40.12 13.82
N THR B 50 14.96 -39.60 14.93
CA THR B 50 14.86 -38.16 15.08
C THR B 50 16.23 -37.51 15.03
N LYS B 51 17.23 -38.13 15.66
CA LYS B 51 18.57 -37.58 15.64
C LYS B 51 19.17 -37.57 14.24
N THR B 52 19.01 -38.67 13.49
CA THR B 52 19.56 -38.72 12.14
C THR B 52 18.86 -37.73 11.23
N GLN B 53 17.54 -37.56 11.41
CA GLN B 53 16.82 -36.55 10.63
C GLN B 53 17.35 -35.15 10.93
N MET B 54 17.47 -34.82 12.22
CA MET B 54 18.01 -33.51 12.59
C MET B 54 19.44 -33.34 12.10
N GLU B 55 20.21 -34.42 12.07
CA GLU B 55 21.59 -34.35 11.62
C GLU B 55 21.66 -34.03 10.13
N LYS B 56 20.84 -34.70 9.34
CA LYS B 56 20.82 -34.42 7.90
C LYS B 56 20.26 -33.03 7.60
N VAL B 57 19.30 -32.56 8.39
CA VAL B 57 18.70 -31.25 8.11
C VAL B 57 19.64 -30.13 8.53
N ILE B 58 20.23 -30.26 9.73
CA ILE B 58 21.20 -29.28 10.21
C ILE B 58 22.52 -29.36 9.47
N HIS B 59 22.72 -30.42 8.69
CA HIS B 59 23.96 -30.65 7.94
C HIS B 59 25.15 -30.85 8.87
N PHE B 60 24.88 -31.33 10.09
CA PHE B 60 25.94 -31.72 11.00
C PHE B 60 26.58 -33.05 10.62
N ASP B 61 26.01 -33.77 9.66
CA ASP B 61 26.65 -34.99 9.18
C ASP B 61 27.95 -34.71 8.43
N LYS B 62 28.01 -33.56 7.75
CA LYS B 62 29.25 -33.17 7.08
C LYS B 62 30.35 -32.80 8.07
N ILE B 63 29.98 -32.44 9.30
CA ILE B 63 30.99 -31.99 10.27
C ILE B 63 31.75 -33.18 10.84
N THR B 64 31.03 -34.23 11.24
CA THR B 64 31.67 -35.37 11.87
C THR B 64 32.54 -36.11 10.87
N GLY B 65 33.79 -36.37 11.27
CA GLY B 65 34.64 -37.25 10.50
C GLY B 65 34.26 -38.70 10.69
N PHE B 66 34.68 -39.53 9.75
CA PHE B 66 34.31 -40.94 9.77
C PHE B 66 34.88 -41.63 11.01
N GLY B 67 33.99 -42.19 11.81
CA GLY B 67 34.35 -42.81 13.06
C GLY B 67 34.06 -41.91 14.24
N GLU B 68 33.82 -42.52 15.40
CA GLU B 68 33.63 -41.82 16.67
C GLU B 68 32.45 -40.83 16.60
N SER B 69 31.27 -41.37 16.29
CA SER B 69 30.07 -40.55 16.25
C SER B 69 29.17 -40.89 17.45
N LEU B 70 27.90 -40.50 17.35
CA LEU B 70 26.96 -40.59 18.47
C LEU B 70 27.57 -39.91 19.68
N GLU B 71 27.35 -40.45 20.89
CA GLU B 71 27.80 -39.80 22.11
C GLU B 71 29.29 -40.08 22.36
N SER B 72 30.11 -39.61 21.43
CA SER B 72 31.57 -39.74 21.58
C SER B 72 32.06 -38.88 22.75
N GLN B 73 31.65 -37.61 22.78
CA GLN B 73 31.87 -36.76 23.93
C GLN B 73 30.56 -36.63 24.69
N CYS B 74 29.72 -35.69 24.26
CA CYS B 74 28.37 -35.57 24.75
C CYS B 74 27.41 -35.41 23.58
N GLY B 75 26.24 -36.03 23.68
CA GLY B 75 25.22 -35.92 22.65
C GLY B 75 25.69 -36.34 21.27
N THR B 76 26.64 -35.60 20.71
CA THR B 76 27.11 -35.78 19.35
C THR B 76 28.60 -36.10 19.36
N SER B 77 29.17 -36.22 18.15
CA SER B 77 30.54 -36.64 17.97
C SER B 77 31.51 -35.58 18.50
N VAL B 78 32.79 -35.96 18.54
CA VAL B 78 33.83 -35.05 19.01
C VAL B 78 33.96 -33.86 18.07
N SER B 79 33.82 -34.10 16.76
CA SER B 79 33.97 -33.03 15.78
C SER B 79 32.92 -31.95 15.97
N VAL B 80 31.64 -32.34 16.00
CA VAL B 80 30.56 -31.38 16.17
C VAL B 80 30.67 -30.69 17.52
N HIS B 81 31.06 -31.43 18.55
CA HIS B 81 31.22 -30.85 19.87
C HIS B 81 32.26 -29.74 19.87
N ALA B 82 33.44 -30.02 19.31
CA ALA B 82 34.50 -29.01 19.28
C ALA B 82 34.10 -27.83 18.40
N SER B 83 33.41 -28.10 17.29
CA SER B 83 32.96 -27.03 16.40
C SER B 83 32.00 -26.10 17.13
N LEU B 84 31.00 -26.68 17.81
CA LEU B 84 30.04 -25.88 18.58
C LEU B 84 30.75 -25.04 19.63
N LYS B 85 31.67 -25.66 20.38
CA LYS B 85 32.35 -24.93 21.45
C LYS B 85 33.16 -23.76 20.89
N ASP B 86 33.95 -24.01 19.84
CA ASP B 86 34.80 -22.94 19.31
C ASP B 86 33.99 -21.86 18.62
N ILE B 87 32.84 -22.20 18.05
CA ILE B 87 31.98 -21.16 17.49
C ILE B 87 31.39 -20.30 18.60
N LEU B 88 30.92 -20.93 19.68
CA LEU B 88 30.47 -20.16 20.84
C LEU B 88 31.57 -19.22 21.34
N SER B 89 32.82 -19.71 21.36
CA SER B 89 33.91 -18.86 21.82
C SER B 89 34.19 -17.71 20.86
N GLU B 90 34.18 -18.00 19.55
CA GLU B 90 34.43 -16.95 18.56
C GLU B 90 33.37 -15.87 18.61
N ILE B 91 32.10 -16.26 18.74
CA ILE B 91 31.02 -15.27 18.79
C ILE B 91 31.10 -14.47 20.09
N THR B 92 31.33 -15.14 21.21
CA THR B 92 31.30 -14.46 22.51
C THR B 92 32.60 -13.74 22.83
N LYS B 93 33.57 -13.69 21.92
CA LYS B 93 34.81 -12.99 22.20
C LYS B 93 34.52 -11.50 22.35
N PRO B 94 35.09 -10.83 23.34
CA PRO B 94 34.79 -9.41 23.53
C PRO B 94 35.59 -8.54 22.59
N SER B 95 35.03 -7.38 22.30
CA SER B 95 35.66 -6.42 21.40
C SER B 95 35.27 -5.02 21.83
N ASP B 96 36.26 -4.12 21.88
CA ASP B 96 35.98 -2.74 22.23
C ASP B 96 35.24 -2.00 21.13
N ASN B 97 35.42 -2.43 19.88
CA ASN B 97 34.89 -1.67 18.75
C ASN B 97 33.37 -1.85 18.63
N TYR B 98 32.90 -3.08 18.60
CA TYR B 98 31.50 -3.40 18.42
C TYR B 98 30.98 -4.22 19.61
N SER B 99 29.66 -4.37 19.67
CA SER B 99 29.01 -5.15 20.70
C SER B 99 28.34 -6.35 20.04
N LEU B 100 28.62 -7.55 20.54
CA LEU B 100 28.10 -8.78 19.96
C LEU B 100 27.94 -9.81 21.06
N SER B 101 26.73 -10.32 21.21
CA SER B 101 26.37 -11.18 22.33
C SER B 101 25.50 -12.34 21.86
N LEU B 102 25.73 -13.51 22.46
CA LEU B 102 24.91 -14.70 22.22
C LEU B 102 24.66 -15.36 23.57
N ALA B 103 23.38 -15.54 23.91
CA ALA B 103 23.02 -16.15 25.19
C ALA B 103 22.01 -17.25 24.96
N SER B 104 22.09 -18.30 25.77
CA SER B 104 21.20 -19.44 25.67
C SER B 104 20.63 -19.77 27.05
N LYS B 105 19.32 -20.01 27.10
CA LYS B 105 18.66 -20.35 28.35
C LYS B 105 17.54 -21.34 28.08
N LEU B 106 17.38 -22.30 28.99
CA LEU B 106 16.33 -23.29 28.90
C LEU B 106 15.47 -23.23 30.15
N TYR B 107 14.16 -23.18 29.95
CA TYR B 107 13.18 -23.18 31.02
C TYR B 107 12.51 -24.55 31.06
N ALA B 108 12.36 -25.09 32.26
CA ALA B 108 11.84 -26.44 32.42
C ALA B 108 10.77 -26.47 33.50
N GLU B 109 9.84 -27.40 33.36
CA GLU B 109 8.83 -27.61 34.39
C GLU B 109 9.49 -28.18 35.64
N GLU B 110 8.96 -27.79 36.80
CA GLU B 110 9.49 -28.29 38.06
C GLU B 110 9.24 -29.78 38.21
N THR B 111 8.07 -30.25 37.75
CA THR B 111 7.76 -31.67 37.86
C THR B 111 8.55 -32.49 36.84
N TYR B 112 8.58 -32.04 35.59
CA TYR B 112 9.31 -32.75 34.54
C TYR B 112 10.81 -32.64 34.78
N PRO B 113 11.52 -33.75 35.00
CA PRO B 113 12.97 -33.66 35.29
C PRO B 113 13.83 -33.88 34.06
N VAL B 114 14.63 -32.87 33.70
CA VAL B 114 15.56 -33.00 32.59
C VAL B 114 16.78 -33.81 33.05
N LEU B 115 17.39 -34.53 32.12
CA LEU B 115 18.62 -35.24 32.41
C LEU B 115 19.68 -34.28 32.93
N PRO B 116 20.33 -34.58 34.06
CA PRO B 116 21.42 -33.71 34.51
C PRO B 116 22.59 -33.69 33.55
N GLU B 117 22.85 -34.79 32.85
CA GLU B 117 23.89 -34.80 31.82
C GLU B 117 23.55 -33.82 30.70
N TYR B 118 22.28 -33.77 30.30
CA TYR B 118 21.89 -32.84 29.24
C TYR B 118 22.02 -31.39 29.69
N LEU B 119 21.63 -31.09 30.93
CA LEU B 119 21.77 -29.74 31.43
C LEU B 119 23.24 -29.35 31.54
N GLN B 120 24.09 -30.28 31.96
CA GLN B 120 25.53 -30.00 32.03
C GLN B 120 26.10 -29.78 30.63
N CYS B 121 25.64 -30.55 29.65
CA CYS B 121 26.10 -30.32 28.28
C CYS B 121 25.62 -28.99 27.73
N ILE B 122 24.42 -28.56 28.13
CA ILE B 122 23.95 -27.23 27.74
C ILE B 122 24.85 -26.16 28.35
N LYS B 123 25.22 -26.34 29.61
CA LYS B 123 26.12 -25.40 30.26
C LYS B 123 27.51 -25.41 29.65
N GLU B 124 27.94 -26.56 29.11
CA GLU B 124 29.28 -26.67 28.55
C GLU B 124 29.36 -26.11 27.13
N LEU B 125 28.38 -26.41 26.29
CA LEU B 125 28.44 -26.07 24.87
C LEU B 125 27.98 -24.64 24.61
N TYR B 126 26.78 -24.28 25.07
CA TYR B 126 26.20 -22.97 24.80
C TYR B 126 26.22 -22.06 26.02
N LYS B 127 26.85 -22.51 27.11
CA LYS B 127 26.82 -21.86 28.43
C LYS B 127 25.46 -21.22 28.71
N GLY B 128 24.41 -21.97 28.41
CA GLY B 128 23.05 -21.52 28.65
C GLY B 128 22.58 -21.92 30.03
N SER B 129 21.87 -21.01 30.69
CA SER B 129 21.42 -21.27 32.04
C SER B 129 20.11 -22.07 32.03
N LEU B 130 19.70 -22.51 33.21
CA LEU B 130 18.48 -23.29 33.39
C LEU B 130 17.61 -22.60 34.44
N GLU B 131 16.35 -22.35 34.09
CA GLU B 131 15.37 -21.88 35.04
C GLU B 131 14.24 -22.91 35.14
N THR B 132 13.69 -23.05 36.34
CA THR B 132 12.59 -23.97 36.59
C THR B 132 11.34 -23.15 36.89
N VAL B 133 10.35 -23.26 36.00
CA VAL B 133 9.08 -22.56 36.16
C VAL B 133 7.96 -23.58 36.04
N SER B 134 6.83 -23.28 36.68
CA SER B 134 5.66 -24.16 36.64
C SER B 134 4.77 -23.75 35.48
N PHE B 135 4.82 -24.52 34.39
CA PHE B 135 3.98 -24.24 33.24
C PHE B 135 2.53 -24.62 33.51
N GLN B 136 2.30 -25.76 34.17
CA GLN B 136 0.94 -26.25 34.37
C GLN B 136 0.12 -25.27 35.20
N THR B 137 0.70 -24.78 36.30
CA THR B 137 -0.05 -23.90 37.20
C THR B 137 -0.11 -22.47 36.67
N ALA B 138 1.02 -21.94 36.18
CA ALA B 138 1.10 -20.56 35.69
C ALA B 138 1.92 -20.54 34.40
N ALA B 139 1.27 -20.87 33.29
CA ALA B 139 1.96 -20.89 32.00
C ALA B 139 2.19 -19.47 31.49
N ASP B 140 1.20 -18.59 31.63
CA ASP B 140 1.31 -17.25 31.08
C ASP B 140 2.36 -16.43 31.81
N GLN B 141 2.51 -16.65 33.13
CA GLN B 141 3.56 -15.97 33.88
C GLN B 141 4.94 -16.43 33.42
N ALA B 142 5.10 -17.72 33.16
CA ALA B 142 6.37 -18.22 32.63
C ALA B 142 6.63 -17.64 31.24
N ARG B 143 5.58 -17.52 30.42
CA ARG B 143 5.74 -16.87 29.12
C ARG B 143 6.25 -15.44 29.30
N GLU B 144 5.62 -14.68 30.18
CA GLU B 144 6.04 -13.30 30.41
C GLU B 144 7.48 -13.23 30.89
N LEU B 145 7.89 -14.18 31.73
CA LEU B 145 9.27 -14.18 32.22
C LEU B 145 10.26 -14.48 31.10
N ILE B 146 9.96 -15.49 30.27
CA ILE B 146 10.83 -15.79 29.13
C ILE B 146 10.91 -14.60 28.19
N ASN B 147 9.78 -13.91 28.00
CA ASN B 147 9.75 -12.75 27.11
C ASN B 147 10.59 -11.61 27.67
N SER B 148 10.51 -11.38 28.99
CA SER B 148 11.34 -10.35 29.60
C SER B 148 12.82 -10.69 29.51
N TRP B 149 13.16 -11.97 29.68
CA TRP B 149 14.55 -12.39 29.53
C TRP B 149 15.05 -12.13 28.12
N VAL B 150 14.24 -12.50 27.12
CA VAL B 150 14.60 -12.25 25.72
C VAL B 150 14.78 -10.75 25.49
N GLU B 151 13.83 -9.95 25.99
CA GLU B 151 13.87 -8.50 25.79
C GLU B 151 15.15 -7.90 26.38
N THR B 152 15.51 -8.30 27.59
CA THR B 152 16.72 -7.77 28.20
C THR B 152 17.98 -8.29 27.51
N GLN B 153 17.94 -9.53 27.01
CA GLN B 153 19.12 -10.07 26.34
C GLN B 153 19.33 -9.43 24.97
N THR B 154 18.27 -8.92 24.35
CA THR B 154 18.38 -8.25 23.07
C THR B 154 18.44 -6.73 23.20
N ASN B 155 18.68 -6.23 24.41
CA ASN B 155 18.75 -4.78 24.67
C ASN B 155 17.45 -4.08 24.26
N GLY B 156 16.32 -4.71 24.59
CA GLY B 156 15.02 -4.11 24.33
C GLY B 156 14.61 -4.07 22.87
N VAL B 157 15.35 -4.70 21.97
CA VAL B 157 15.00 -4.68 20.56
C VAL B 157 13.82 -5.59 20.29
N ILE B 158 13.86 -6.81 20.80
CA ILE B 158 12.81 -7.80 20.60
C ILE B 158 11.97 -7.83 21.87
N LYS B 159 10.81 -7.19 21.83
CA LYS B 159 9.84 -7.23 22.91
C LYS B 159 8.72 -8.19 22.56
N ASN B 160 8.20 -8.87 23.58
CA ASN B 160 7.07 -9.79 23.41
C ASN B 160 7.36 -10.81 22.30
N PHE B 161 8.52 -11.46 22.40
CA PHE B 161 8.92 -12.46 21.43
C PHE B 161 7.90 -13.58 21.31
N LEU B 162 7.70 -14.33 22.40
CA LEU B 162 6.72 -15.41 22.40
C LEU B 162 5.31 -14.83 22.36
N GLN B 163 4.54 -15.24 21.35
CA GLN B 163 3.19 -14.75 21.17
C GLN B 163 2.29 -15.21 22.30
N PRO B 164 1.21 -14.49 22.57
CA PRO B 164 0.25 -14.95 23.58
C PRO B 164 -0.43 -16.23 23.15
N GLY B 165 -0.61 -17.15 24.10
CA GLY B 165 -1.17 -18.45 23.81
C GLY B 165 -0.21 -19.43 23.17
N SER B 166 1.04 -19.04 22.93
CA SER B 166 2.01 -19.97 22.36
C SER B 166 2.36 -21.07 23.34
N VAL B 167 2.51 -20.73 24.62
CA VAL B 167 2.74 -21.72 25.66
C VAL B 167 1.46 -21.92 26.44
N ASP B 168 1.25 -23.14 26.91
CA ASP B 168 0.06 -23.54 27.65
C ASP B 168 0.49 -24.55 28.71
N PRO B 169 -0.40 -24.99 29.61
CA PRO B 169 0.03 -25.93 30.66
C PRO B 169 0.64 -27.22 30.12
N GLN B 170 0.46 -27.53 28.83
CA GLN B 170 1.03 -28.76 28.28
C GLN B 170 2.54 -28.64 28.10
N THR B 171 3.02 -27.47 27.65
CA THR B 171 4.45 -27.28 27.42
C THR B 171 5.24 -27.53 28.69
N GLU B 172 6.32 -28.31 28.59
CA GLU B 172 7.10 -28.63 29.76
C GLU B 172 8.57 -28.22 29.68
N MET B 173 9.02 -27.73 28.52
CA MET B 173 10.38 -27.20 28.40
C MET B 173 10.42 -26.27 27.21
N VAL B 174 11.17 -25.17 27.35
CA VAL B 174 11.29 -24.13 26.34
C VAL B 174 12.77 -23.77 26.23
N LEU B 175 13.38 -24.09 25.09
CA LEU B 175 14.77 -23.73 24.81
C LEU B 175 14.78 -22.46 23.97
N VAL B 176 15.52 -21.44 24.44
CA VAL B 176 15.54 -20.16 23.75
C VAL B 176 16.97 -19.62 23.75
N ASP B 177 17.28 -18.82 22.74
CA ASP B 177 18.56 -18.14 22.64
C ASP B 177 18.34 -16.75 22.07
N ALA B 178 19.36 -15.91 22.19
CA ALA B 178 19.27 -14.53 21.73
C ALA B 178 20.64 -14.06 21.26
N ILE B 179 20.68 -13.50 20.05
CA ILE B 179 21.88 -12.92 19.48
C ILE B 179 21.63 -11.44 19.25
N TYR B 180 22.57 -10.60 19.68
CA TYR B 180 22.46 -9.15 19.55
C TYR B 180 23.78 -8.61 18.99
N PHE B 181 23.67 -7.69 18.02
CA PHE B 181 24.86 -7.09 17.45
C PHE B 181 24.60 -5.62 17.16
N LYS B 182 25.53 -4.77 17.60
CA LYS B 182 25.51 -3.35 17.27
C LYS B 182 26.94 -2.92 16.98
N GLY B 183 27.17 -2.45 15.76
CA GLY B 183 28.50 -2.05 15.34
C GLY B 183 28.46 -0.74 14.57
N THR B 184 29.64 -0.35 14.09
CA THR B 184 29.80 0.86 13.30
C THR B 184 30.46 0.52 11.97
N TRP B 185 30.14 1.31 10.95
CA TRP B 185 30.73 1.07 9.64
C TRP B 185 32.23 1.33 9.68
N GLU B 186 32.96 0.60 8.83
CA GLU B 186 34.36 0.93 8.59
C GLU B 186 34.47 2.33 8.01
N LYS B 187 33.74 2.59 6.94
CA LYS B 187 33.58 3.92 6.36
C LYS B 187 32.14 4.34 6.56
N ALA B 188 31.91 5.26 7.49
CA ALA B 188 30.55 5.64 7.86
C ALA B 188 29.92 6.54 6.81
N PHE B 189 28.59 6.62 6.85
CA PHE B 189 27.83 7.50 5.98
C PHE B 189 27.66 8.87 6.64
N LYS B 190 27.94 9.92 5.90
CA LYS B 190 27.74 11.27 6.42
C LYS B 190 26.25 11.56 6.56
N ASP B 191 25.87 12.12 7.71
CA ASP B 191 24.46 12.41 7.96
C ASP B 191 23.91 13.45 6.99
N GLU B 192 24.74 14.40 6.56
CA GLU B 192 24.28 15.43 5.65
C GLU B 192 24.08 14.89 4.24
N ASP B 193 24.83 13.85 3.86
CA ASP B 193 24.71 13.27 2.53
C ASP B 193 23.44 12.45 2.34
N THR B 194 22.72 12.14 3.42
CA THR B 194 21.49 11.37 3.32
C THR B 194 20.37 12.27 2.81
N GLN B 195 19.74 11.86 1.71
CA GLN B 195 18.66 12.64 1.12
C GLN B 195 17.58 11.71 0.60
N GLU B 196 16.47 12.29 0.14
CA GLU B 196 15.35 11.50 -0.33
C GLU B 196 15.58 11.02 -1.76
N VAL B 197 15.39 9.73 -1.99
CA VAL B 197 15.63 9.11 -3.30
C VAL B 197 14.51 8.12 -3.57
N PRO B 198 13.99 8.05 -4.80
CA PRO B 198 12.98 7.03 -5.10
C PRO B 198 13.56 5.63 -5.12
N PHE B 199 12.78 4.67 -4.63
CA PHE B 199 13.13 3.27 -4.56
C PHE B 199 12.09 2.50 -5.37
N ARG B 200 12.57 1.72 -6.34
CA ARG B 200 11.70 1.06 -7.30
C ARG B 200 11.33 -0.32 -6.78
N ILE B 201 10.13 -0.43 -6.18
CA ILE B 201 9.64 -1.73 -5.73
C ILE B 201 9.43 -2.65 -6.93
N THR B 202 8.82 -2.13 -7.98
CA THR B 202 8.70 -2.81 -9.26
C THR B 202 9.04 -1.80 -10.35
N GLU B 203 9.01 -2.26 -11.61
CA GLU B 203 9.21 -1.35 -12.72
C GLU B 203 8.05 -0.36 -12.87
N GLN B 204 6.88 -0.69 -12.32
CA GLN B 204 5.70 0.15 -12.47
C GLN B 204 5.55 1.18 -11.36
N GLU B 205 5.83 0.81 -10.11
CA GLU B 205 5.61 1.69 -8.98
C GLU B 205 6.93 1.95 -8.25
N SER B 206 7.02 3.14 -7.65
CA SER B 206 8.20 3.55 -6.89
C SER B 206 7.76 4.36 -5.68
N LYS B 207 8.50 4.22 -4.58
CA LYS B 207 8.20 4.92 -3.34
C LYS B 207 9.46 5.59 -2.82
N PRO B 208 9.35 6.79 -2.25
CA PRO B 208 10.56 7.50 -1.79
C PRO B 208 11.07 6.95 -0.46
N VAL B 209 12.40 6.91 -0.31
CA VAL B 209 13.03 6.48 0.93
C VAL B 209 14.26 7.36 1.20
N GLN B 210 14.71 7.32 2.44
CA GLN B 210 15.89 8.06 2.86
C GLN B 210 17.14 7.27 2.45
N MET B 211 17.87 7.78 1.47
CA MET B 211 19.06 7.12 0.93
C MET B 211 20.30 7.82 1.46
N MET B 212 21.19 7.06 2.09
CA MET B 212 22.50 7.53 2.49
C MET B 212 23.47 7.31 1.35
N TYR B 213 24.42 8.23 1.19
CA TYR B 213 25.37 8.19 0.10
C TYR B 213 26.79 8.38 0.61
N GLN B 214 27.73 7.68 -0.01
CA GLN B 214 29.15 7.95 0.24
C GLN B 214 29.98 7.39 -0.90
N ALA B 215 31.09 8.07 -1.19
CA ALA B 215 32.01 7.66 -2.24
C ALA B 215 33.31 7.18 -1.61
N GLY B 216 33.79 6.02 -2.05
CA GLY B 216 35.03 5.51 -1.49
C GLY B 216 35.41 4.18 -2.08
N SER B 217 36.47 3.60 -1.53
CA SER B 217 36.96 2.30 -1.98
C SER B 217 36.14 1.19 -1.32
N PHE B 218 35.47 0.38 -2.14
CA PHE B 218 34.62 -0.67 -1.63
C PHE B 218 34.83 -1.94 -2.44
N LYS B 219 34.65 -3.09 -1.78
CA LYS B 219 34.80 -4.38 -2.43
C LYS B 219 33.50 -4.72 -3.16
N VAL B 220 33.58 -4.80 -4.49
CA VAL B 220 32.46 -5.12 -5.35
C VAL B 220 32.87 -6.29 -6.25
N ALA B 221 32.01 -7.29 -6.34
CA ALA B 221 32.19 -8.44 -7.22
C ALA B 221 31.03 -8.50 -8.18
N THR B 222 31.32 -8.42 -9.48
CA THR B 222 30.30 -8.39 -10.52
C THR B 222 30.20 -9.77 -11.16
N VAL B 223 29.06 -10.43 -10.97
CA VAL B 223 28.79 -11.73 -11.58
C VAL B 223 27.90 -11.49 -12.80
N ALA B 224 28.46 -11.73 -13.98
CA ALA B 224 27.72 -11.52 -15.21
C ALA B 224 26.85 -12.73 -15.57
N ALA B 225 27.27 -13.93 -15.18
CA ALA B 225 26.47 -15.11 -15.45
C ALA B 225 25.13 -15.05 -14.76
N GLU B 226 25.06 -14.39 -13.60
CA GLU B 226 23.83 -14.24 -12.84
C GLU B 226 23.25 -12.84 -12.94
N LYS B 227 23.93 -11.92 -13.63
CA LYS B 227 23.47 -10.55 -13.83
C LYS B 227 23.22 -9.86 -12.49
N MET B 228 24.29 -9.75 -11.69
CA MET B 228 24.13 -9.20 -10.36
C MET B 228 25.50 -8.83 -9.78
N LYS B 229 25.52 -7.75 -9.00
CA LYS B 229 26.74 -7.30 -8.34
C LYS B 229 26.58 -7.42 -6.83
N ILE B 230 27.67 -7.76 -6.15
CA ILE B 230 27.69 -7.90 -4.70
C ILE B 230 28.63 -6.84 -4.13
N LEU B 231 28.14 -6.09 -3.16
CA LEU B 231 28.93 -5.07 -2.47
C LEU B 231 29.15 -5.49 -1.02
N GLU B 232 30.39 -5.35 -0.56
CA GLU B 232 30.74 -5.62 0.83
C GLU B 232 30.97 -4.30 1.55
N LEU B 233 30.20 -4.05 2.59
CA LEU B 233 30.41 -2.92 3.49
C LEU B 233 30.97 -3.46 4.80
N PRO B 234 32.27 -3.32 5.05
CA PRO B 234 32.83 -3.82 6.31
C PRO B 234 32.42 -2.96 7.49
N TYR B 235 32.43 -3.59 8.66
CA TYR B 235 32.15 -2.89 9.91
C TYR B 235 33.46 -2.52 10.60
N ALA B 236 33.36 -2.01 11.82
CA ALA B 236 34.55 -1.70 12.60
C ALA B 236 35.33 -2.96 12.90
N SER B 237 36.64 -2.92 12.64
CA SER B 237 37.63 -3.97 12.81
C SER B 237 37.57 -5.01 11.68
N GLY B 238 36.57 -4.97 10.80
CA GLY B 238 36.52 -5.91 9.70
C GLY B 238 36.15 -7.33 10.08
N GLU B 239 35.69 -7.56 11.30
CA GLU B 239 35.28 -8.90 11.72
C GLU B 239 33.85 -9.24 11.31
N LEU B 240 33.01 -8.23 11.11
CA LEU B 240 31.67 -8.42 10.56
C LEU B 240 31.51 -7.55 9.32
N SER B 241 30.78 -8.07 8.34
CA SER B 241 30.57 -7.35 7.09
C SER B 241 29.13 -7.49 6.65
N MET B 242 28.66 -6.52 5.87
CA MET B 242 27.37 -6.57 5.22
C MET B 242 27.57 -6.84 3.74
N PHE B 243 26.77 -7.74 3.18
CA PHE B 243 26.80 -8.05 1.77
C PHE B 243 25.46 -7.70 1.14
N VAL B 244 25.50 -6.86 0.11
CA VAL B 244 24.31 -6.53 -0.67
C VAL B 244 24.45 -7.21 -2.02
N LEU B 245 23.55 -8.15 -2.29
CA LEU B 245 23.47 -8.83 -3.59
C LEU B 245 22.37 -8.13 -4.38
N LEU B 246 22.78 -7.23 -5.28
CA LEU B 246 21.85 -6.43 -6.05
C LEU B 246 21.79 -6.93 -7.48
N PRO B 247 20.66 -7.42 -7.95
CA PRO B 247 20.53 -7.77 -9.37
C PRO B 247 20.52 -6.52 -10.23
N ASP B 248 21.12 -6.65 -11.42
CA ASP B 248 21.26 -5.49 -12.31
C ASP B 248 19.90 -4.91 -12.68
N ASP B 249 18.90 -5.76 -12.84
CA ASP B 249 17.55 -5.31 -13.17
C ASP B 249 16.56 -5.85 -12.13
N ILE B 250 15.39 -5.21 -12.09
CA ILE B 250 14.38 -5.58 -11.10
C ILE B 250 13.87 -6.99 -11.34
N SER B 251 13.82 -7.44 -12.59
CA SER B 251 13.28 -8.75 -12.90
C SER B 251 14.24 -9.89 -12.56
N GLY B 252 15.52 -9.59 -12.37
CA GLY B 252 16.50 -10.66 -12.17
C GLY B 252 16.47 -11.26 -10.78
N LEU B 253 16.03 -10.49 -9.78
CA LEU B 253 16.09 -10.94 -8.39
C LEU B 253 15.50 -12.33 -8.22
N GLU B 254 14.33 -12.57 -8.81
CA GLU B 254 13.70 -13.88 -8.77
C GLU B 254 14.71 -14.98 -9.09
N GLN B 255 15.31 -14.90 -10.28
CA GLN B 255 16.32 -15.87 -10.68
C GLN B 255 17.37 -16.06 -9.59
N LEU B 256 17.93 -14.95 -9.09
CA LEU B 256 18.94 -15.02 -8.05
C LEU B 256 18.45 -15.86 -6.88
N GLU B 257 17.23 -15.58 -6.39
CA GLU B 257 16.70 -16.29 -5.24
C GLU B 257 16.76 -17.79 -5.45
N THR B 258 16.53 -18.26 -6.68
CA THR B 258 16.52 -19.70 -6.92
C THR B 258 17.93 -20.26 -7.02
N THR B 259 18.86 -19.49 -7.60
CA THR B 259 20.19 -20.04 -7.87
C THR B 259 21.17 -19.81 -6.73
N ILE B 260 20.81 -19.01 -5.72
CA ILE B 260 21.72 -18.80 -4.59
C ILE B 260 21.88 -20.10 -3.83
N SER B 261 23.08 -20.33 -3.33
CA SER B 261 23.44 -21.55 -2.61
C SER B 261 24.82 -21.34 -2.00
N ILE B 262 25.16 -22.21 -1.05
CA ILE B 262 26.44 -22.08 -0.35
C ILE B 262 27.60 -22.21 -1.33
N GLU B 263 27.49 -23.13 -2.28
CA GLU B 263 28.50 -23.28 -3.32
C GLU B 263 28.61 -22.01 -4.16
N LYS B 264 27.48 -21.57 -4.71
CA LYS B 264 27.45 -20.35 -5.52
C LYS B 264 27.91 -19.14 -4.72
N LEU B 265 27.51 -19.04 -3.46
CA LEU B 265 27.94 -17.92 -2.64
C LEU B 265 29.43 -17.95 -2.39
N SER B 266 30.01 -19.14 -2.17
CA SER B 266 31.44 -19.25 -2.02
C SER B 266 32.17 -18.80 -3.28
N GLU B 267 31.64 -19.16 -4.45
CA GLU B 267 32.24 -18.65 -5.69
C GLU B 267 32.11 -17.13 -5.78
N TRP B 268 30.96 -16.58 -5.41
CA TRP B 268 30.69 -15.17 -5.63
C TRP B 268 31.48 -14.29 -4.66
N THR B 269 31.59 -14.70 -3.39
CA THR B 269 32.29 -13.93 -2.38
C THR B 269 33.76 -14.33 -2.24
N SER B 270 34.35 -14.90 -3.29
CA SER B 270 35.76 -15.24 -3.26
C SER B 270 36.61 -13.97 -3.13
N SER B 271 37.68 -14.06 -2.34
CA SER B 271 38.56 -12.90 -2.16
C SER B 271 39.15 -12.44 -3.49
N ASN B 272 39.32 -13.35 -4.44
CA ASN B 272 39.75 -12.96 -5.77
C ASN B 272 38.63 -12.27 -6.53
N MET B 273 37.39 -12.76 -6.38
CA MET B 273 36.27 -12.21 -7.12
C MET B 273 35.90 -10.80 -6.65
N MET B 274 36.15 -10.50 -5.38
CA MET B 274 35.77 -9.21 -4.81
C MET B 274 36.88 -8.20 -5.06
N GLU B 275 36.51 -7.06 -5.65
CA GLU B 275 37.47 -6.08 -6.14
C GLU B 275 37.24 -4.74 -5.45
N ASP B 276 38.26 -4.23 -4.76
CA ASP B 276 38.18 -2.86 -4.28
C ASP B 276 38.18 -1.90 -5.47
N ARG B 277 37.10 -1.15 -5.61
CA ARG B 277 37.00 -0.10 -6.61
C ARG B 277 36.47 1.18 -5.99
N LYS B 278 36.81 2.31 -6.62
CA LYS B 278 36.22 3.59 -6.28
C LYS B 278 34.76 3.57 -6.71
N MET B 279 33.85 3.56 -5.74
CA MET B 279 32.43 3.44 -6.01
C MET B 279 31.66 4.51 -5.27
N LYS B 280 30.60 4.99 -5.91
CA LYS B 280 29.54 5.73 -5.24
C LYS B 280 28.54 4.71 -4.70
N VAL B 281 28.29 4.74 -3.40
CA VAL B 281 27.43 3.78 -2.73
C VAL B 281 26.21 4.53 -2.23
N TYR B 282 25.03 4.08 -2.67
CA TYR B 282 23.74 4.57 -2.22
C TYR B 282 23.06 3.43 -1.49
N LEU B 283 22.87 3.57 -0.18
CA LEU B 283 22.25 2.54 0.64
C LEU B 283 21.09 3.15 1.40
N PRO B 284 19.90 2.55 1.37
CA PRO B 284 18.75 3.15 2.04
C PRO B 284 18.75 2.88 3.54
N HIS B 285 18.08 3.77 4.26
CA HIS B 285 17.72 3.48 5.65
C HIS B 285 16.91 2.19 5.68
N MET B 286 17.31 1.27 6.54
CA MET B 286 16.64 -0.03 6.58
C MET B 286 16.14 -0.32 7.99
N LYS B 287 14.91 -0.82 8.08
CA LYS B 287 14.35 -1.29 9.35
C LYS B 287 13.41 -2.45 9.01
N ILE B 288 13.89 -3.67 9.25
CA ILE B 288 13.19 -4.89 8.87
C ILE B 288 12.98 -5.73 10.12
N GLU B 289 11.72 -6.00 10.44
CA GLU B 289 11.34 -6.81 11.60
C GLU B 289 10.38 -7.88 11.11
N GLU B 290 10.75 -9.15 11.28
CA GLU B 290 9.87 -10.23 10.87
C GLU B 290 9.94 -11.39 11.85
N LYS B 291 8.78 -12.01 12.10
CA LYS B 291 8.67 -13.14 13.00
C LYS B 291 7.94 -14.27 12.30
N TYR B 292 8.51 -15.46 12.34
CA TYR B 292 7.97 -16.63 11.64
C TYR B 292 7.75 -17.78 12.61
N ASN B 293 6.86 -18.69 12.19
CA ASN B 293 6.66 -19.98 12.84
C ASN B 293 7.23 -21.04 11.89
N LEU B 294 8.36 -21.61 12.28
CA LEU B 294 9.15 -22.45 11.39
C LEU B 294 8.77 -23.93 11.45
N THR B 295 7.73 -24.29 12.19
CA THR B 295 7.35 -25.70 12.30
C THR B 295 7.07 -26.30 10.94
N SER B 296 6.23 -25.64 10.14
CA SER B 296 5.94 -26.12 8.79
C SER B 296 7.20 -26.16 7.93
N VAL B 297 8.07 -25.17 8.09
CA VAL B 297 9.29 -25.10 7.27
C VAL B 297 10.25 -26.22 7.67
N LEU B 298 10.41 -26.46 8.98
CA LEU B 298 11.29 -27.54 9.42
C LEU B 298 10.74 -28.90 8.97
N VAL B 299 9.42 -29.08 9.06
CA VAL B 299 8.82 -30.33 8.60
C VAL B 299 9.05 -30.52 7.10
N ALA B 300 8.83 -29.47 6.32
CA ALA B 300 9.03 -29.55 4.88
C ALA B 300 10.47 -29.85 4.49
N LEU B 301 11.42 -29.61 5.39
CA LEU B 301 12.82 -29.90 5.13
C LEU B 301 13.25 -31.27 5.63
N GLY B 302 12.30 -32.11 6.06
CA GLY B 302 12.62 -33.46 6.49
C GLY B 302 12.71 -33.66 7.98
N MET B 303 12.35 -32.66 8.78
CA MET B 303 12.32 -32.81 10.24
C MET B 303 10.96 -33.28 10.72
N THR B 304 10.35 -34.24 10.03
CA THR B 304 8.97 -34.60 10.34
C THR B 304 8.86 -35.31 11.69
N ASP B 305 9.81 -36.19 12.01
CA ASP B 305 9.72 -36.97 13.23
C ASP B 305 9.77 -36.09 14.48
N LEU B 306 10.49 -34.98 14.42
CA LEU B 306 10.70 -34.16 15.61
C LEU B 306 9.36 -33.64 16.14
N PHE B 307 8.47 -33.24 15.24
CA PHE B 307 7.13 -32.77 15.61
C PHE B 307 6.11 -33.88 15.70
N SER B 308 6.47 -35.10 15.31
CA SER B 308 5.57 -36.23 15.35
C SER B 308 5.49 -36.83 16.74
N PRO B 309 4.42 -37.54 17.07
CA PRO B 309 4.36 -38.25 18.36
C PRO B 309 5.41 -39.34 18.51
N SER B 310 6.11 -39.70 17.44
CA SER B 310 7.18 -40.68 17.48
C SER B 310 8.55 -40.04 17.67
N ALA B 311 8.60 -38.81 18.17
CA ALA B 311 9.87 -38.12 18.37
C ALA B 311 10.62 -38.72 19.55
N ASN B 312 11.88 -39.09 19.32
CA ASN B 312 12.72 -39.66 20.37
C ASN B 312 13.67 -38.57 20.85
N LEU B 313 13.24 -37.84 21.88
CA LEU B 313 14.07 -36.86 22.56
C LEU B 313 14.50 -37.37 23.93
N SER B 314 14.79 -38.68 24.01
CA SER B 314 15.15 -39.30 25.29
C SER B 314 16.45 -38.75 25.85
N GLY B 315 17.32 -38.19 25.01
CA GLY B 315 18.54 -37.58 25.50
C GLY B 315 18.30 -36.37 26.38
N ILE B 316 17.15 -35.72 26.23
CA ILE B 316 16.81 -34.59 27.09
C ILE B 316 16.27 -35.07 28.43
N SER B 317 15.24 -35.89 28.41
CA SER B 317 14.63 -36.41 29.63
C SER B 317 14.22 -37.86 29.41
N THR B 318 14.76 -38.75 30.24
CA THR B 318 14.38 -40.15 30.17
C THR B 318 13.03 -40.40 30.82
N ALA B 319 12.66 -39.59 31.81
CA ALA B 319 11.34 -39.68 32.41
C ALA B 319 10.28 -39.28 31.38
N GLN B 320 9.29 -40.15 31.20
CA GLN B 320 8.20 -39.93 30.25
C GLN B 320 8.75 -39.74 28.84
N THR B 321 7.98 -39.09 27.98
CA THR B 321 8.37 -38.80 26.61
C THR B 321 7.83 -37.43 26.24
N LEU B 322 8.57 -36.71 25.39
CA LEU B 322 8.14 -35.40 24.95
C LEU B 322 8.50 -35.21 23.48
N LYS B 323 7.91 -34.19 22.88
CA LYS B 323 8.14 -33.86 21.48
C LYS B 323 8.00 -32.36 21.32
N MET B 324 8.53 -31.86 20.20
CA MET B 324 8.48 -30.44 19.89
C MET B 324 7.20 -30.11 19.14
N SER B 325 6.60 -28.96 19.47
CA SER B 325 5.39 -28.54 18.79
C SER B 325 5.48 -27.16 18.18
N GLU B 326 6.26 -26.24 18.75
CA GLU B 326 6.30 -24.88 18.25
C GLU B 326 7.74 -24.38 18.24
N ALA B 327 8.15 -23.88 17.06
CA ALA B 327 9.47 -23.28 16.84
C ALA B 327 9.25 -21.90 16.25
N ILE B 328 9.53 -20.86 17.04
CA ILE B 328 9.29 -19.48 16.66
C ILE B 328 10.63 -18.80 16.43
N HIS B 329 10.68 -17.89 15.46
CA HIS B 329 11.91 -17.15 15.19
C HIS B 329 11.59 -15.69 14.93
N GLY B 330 12.41 -14.80 15.48
CA GLY B 330 12.24 -13.37 15.26
C GLY B 330 13.53 -12.68 14.89
N ALA B 331 13.48 -11.77 13.92
CA ALA B 331 14.68 -11.09 13.45
C ALA B 331 14.40 -9.62 13.20
N TYR B 332 15.35 -8.78 13.62
CA TYR B 332 15.29 -7.33 13.46
C TYR B 332 16.64 -6.84 12.97
N VAL B 333 16.60 -5.93 12.00
CA VAL B 333 17.80 -5.36 11.42
C VAL B 333 17.53 -3.89 11.08
N GLU B 334 18.38 -2.98 11.57
CA GLU B 334 18.25 -1.57 11.27
C GLU B 334 19.59 -1.04 10.76
N ILE B 335 19.60 -0.51 9.54
CA ILE B 335 20.77 0.10 8.93
C ILE B 335 20.55 1.60 8.86
N TYR B 336 21.53 2.35 9.36
CA TYR B 336 21.50 3.81 9.39
C TYR B 336 22.89 4.31 8.99
N GLU B 337 23.11 5.62 9.13
CA GLU B 337 24.36 6.22 8.65
C GLU B 337 25.54 5.83 9.51
N ALA B 338 25.40 5.86 10.83
CA ALA B 338 26.53 5.59 11.71
C ALA B 338 26.97 4.14 11.62
N GLY B 339 26.00 3.21 11.58
CA GLY B 339 26.30 1.79 11.51
C GLY B 339 25.04 0.98 11.34
N SER B 340 24.85 -0.05 12.17
CA SER B 340 23.62 -0.81 12.13
C SER B 340 23.45 -1.53 13.46
N GLU B 341 22.19 -1.78 13.82
CA GLU B 341 21.82 -2.49 15.03
C GLU B 341 20.88 -3.63 14.68
N MET B 342 21.24 -4.85 15.06
CA MET B 342 20.50 -6.03 14.65
C MET B 342 20.38 -7.00 15.83
N ALA B 343 19.33 -7.82 15.80
CA ALA B 343 19.02 -8.66 16.94
C ALA B 343 18.04 -9.75 16.52
N THR B 344 18.30 -10.98 16.98
CA THR B 344 17.50 -12.13 16.60
C THR B 344 17.26 -13.01 17.82
N SER B 345 16.24 -13.86 17.70
CA SER B 345 15.92 -14.81 18.76
C SER B 345 15.23 -16.02 18.14
N THR B 346 15.55 -17.20 18.65
CA THR B 346 14.93 -18.44 18.21
C THR B 346 14.44 -19.21 19.43
N GLY B 347 13.12 -19.39 19.52
CA GLY B 347 12.51 -20.09 20.63
C GLY B 347 11.93 -21.43 20.19
N VAL B 348 11.96 -22.39 21.10
CA VAL B 348 11.54 -23.78 20.86
C VAL B 348 10.90 -24.33 22.13
N LEU B 349 9.64 -24.78 22.02
CA LEU B 349 8.93 -25.33 23.16
C LEU B 349 8.56 -26.77 22.89
N VAL B 350 8.80 -27.63 23.88
CA VAL B 350 8.57 -29.07 23.77
C VAL B 350 7.54 -29.49 24.81
N GLU B 351 6.78 -30.53 24.48
CA GLU B 351 5.74 -31.08 25.34
C GLU B 351 5.21 -32.37 24.73
N ALA B 352 4.74 -33.25 25.61
CA ALA B 352 4.17 -34.53 25.17
C ALA B 352 2.76 -34.35 24.62
N ALA B 353 1.98 -33.47 25.22
CA ALA B 353 0.56 -33.36 24.89
C ALA B 353 0.36 -32.77 23.50
N SER B 354 -0.85 -32.95 22.98
CA SER B 354 -1.21 -32.48 21.65
C SER B 354 -2.60 -31.84 21.74
N VAL B 355 -2.68 -30.54 21.51
CA VAL B 355 -3.98 -29.86 21.49
C VAL B 355 -4.71 -30.24 20.22
N SER B 356 -5.98 -30.63 20.37
CA SER B 356 -6.76 -31.09 19.21
C SER B 356 -7.00 -29.95 18.23
N GLU B 357 -7.56 -28.84 18.72
CA GLU B 357 -7.87 -27.72 17.84
C GLU B 357 -7.78 -26.40 18.59
N GLU B 358 -7.56 -25.34 17.81
CA GLU B 358 -7.80 -23.96 18.23
C GLU B 358 -8.51 -23.27 17.08
N PHE B 359 -9.14 -22.13 17.36
CA PHE B 359 -9.85 -21.38 16.33
C PHE B 359 -9.07 -20.09 16.08
N ARG B 360 -8.27 -20.09 15.01
CA ARG B 360 -7.43 -18.95 14.66
C ARG B 360 -7.91 -18.39 13.32
N VAL B 361 -8.26 -17.11 13.32
CA VAL B 361 -8.69 -16.43 12.10
C VAL B 361 -7.49 -15.77 11.43
N ASP B 362 -6.73 -16.55 10.65
CA ASP B 362 -5.50 -16.08 10.02
C ASP B 362 -5.58 -16.12 8.50
N HIS B 363 -6.77 -16.21 7.93
CA HIS B 363 -6.96 -16.29 6.48
C HIS B 363 -8.40 -15.88 6.17
N PRO B 364 -8.70 -15.52 4.92
CA PRO B 364 -10.02 -14.92 4.62
C PRO B 364 -11.18 -15.83 5.04
N PHE B 365 -12.32 -15.19 5.28
CA PHE B 365 -13.46 -15.88 5.89
C PHE B 365 -14.74 -15.15 5.53
N LEU B 366 -15.86 -15.70 6.00
CA LEU B 366 -17.15 -15.02 5.98
C LEU B 366 -17.56 -14.77 7.43
N PHE B 367 -17.99 -13.54 7.71
CA PHE B 367 -18.47 -13.20 9.04
C PHE B 367 -19.93 -12.78 8.97
N LEU B 368 -20.64 -13.06 10.06
CA LEU B 368 -22.09 -12.94 10.11
C LEU B 368 -22.47 -12.41 11.48
N ILE B 369 -23.29 -11.35 11.51
CA ILE B 369 -23.73 -10.74 12.75
C ILE B 369 -25.25 -10.67 12.70
N LYS B 370 -25.91 -11.44 13.55
CA LYS B 370 -27.36 -11.61 13.51
C LYS B 370 -27.98 -11.14 14.82
N HIS B 371 -29.26 -10.73 14.72
CA HIS B 371 -30.06 -10.38 15.88
C HIS B 371 -30.75 -11.64 16.39
N ASN B 372 -30.26 -12.16 17.51
CA ASN B 372 -30.74 -13.45 17.99
C ASN B 372 -32.23 -13.47 18.31
N PRO B 373 -32.85 -12.44 18.89
CA PRO B 373 -34.31 -12.50 19.10
C PRO B 373 -35.10 -12.59 17.81
N SER B 374 -34.79 -11.74 16.83
CA SER B 374 -35.50 -11.76 15.56
C SER B 374 -34.97 -12.81 14.58
N ASN B 375 -33.85 -13.46 14.91
CA ASN B 375 -33.18 -14.40 14.02
C ASN B 375 -33.03 -13.81 12.62
N SER B 376 -32.65 -12.53 12.56
CA SER B 376 -32.41 -11.82 11.32
C SER B 376 -30.94 -11.44 11.23
N ILE B 377 -30.42 -11.38 10.01
CA ILE B 377 -29.03 -11.03 9.77
C ILE B 377 -28.94 -9.51 9.75
N LEU B 378 -28.29 -8.94 10.76
CA LEU B 378 -28.00 -7.51 10.73
C LEU B 378 -26.92 -7.22 9.68
N PHE B 379 -25.82 -7.96 9.70
CA PHE B 379 -24.72 -7.73 8.80
C PHE B 379 -24.15 -9.05 8.32
N PHE B 380 -23.70 -9.08 7.06
CA PHE B 380 -23.03 -10.24 6.49
C PHE B 380 -21.89 -9.74 5.62
N GLY B 381 -20.74 -10.39 5.70
CA GLY B 381 -19.57 -9.92 4.99
C GLY B 381 -18.62 -11.03 4.62
N ARG B 382 -17.87 -10.80 3.55
CA ARG B 382 -16.76 -11.65 3.12
C ARG B 382 -15.48 -10.85 3.34
N CYS B 383 -14.67 -11.27 4.32
CA CYS B 383 -13.47 -10.55 4.69
C CYS B 383 -12.24 -11.26 4.11
N ILE B 384 -11.55 -10.58 3.21
CA ILE B 384 -10.30 -11.08 2.65
C ILE B 384 -9.10 -10.43 3.34
N PHE B 385 -9.15 -9.12 3.55
CA PHE B 385 -8.12 -8.40 4.30
C PHE B 385 -8.82 -7.60 5.38
N PRO B 386 -8.53 -7.83 6.66
CA PRO B 386 -9.26 -7.12 7.72
C PRO B 386 -9.20 -5.60 7.63
N HIS B 387 -8.06 -5.04 7.23
CA HIS B 387 -7.87 -3.61 7.20
C HIS B 387 -7.23 -3.21 5.87
N HIS B 388 -7.92 -2.35 5.12
CA HIS B 388 -7.42 -1.88 3.83
C HIS B 388 -6.88 -0.45 3.93
N GLY C 2 -41.61 -18.29 7.62
CA GLY C 2 -42.84 -17.61 8.00
C GLY C 2 -42.60 -16.34 8.79
N SER C 3 -41.36 -15.89 8.81
CA SER C 3 -40.97 -14.68 9.52
C SER C 3 -40.06 -13.83 8.64
N ILE C 4 -40.05 -12.52 8.90
CA ILE C 4 -39.25 -11.61 8.09
C ILE C 4 -37.75 -11.77 8.37
N GLY C 5 -37.38 -12.34 9.53
CA GLY C 5 -35.98 -12.65 9.75
C GLY C 5 -35.45 -13.71 8.79
N ALA C 6 -36.23 -14.78 8.61
CA ALA C 6 -35.84 -15.82 7.66
C ALA C 6 -35.87 -15.30 6.23
N ALA C 7 -36.84 -14.43 5.92
CA ALA C 7 -36.85 -13.78 4.61
C ALA C 7 -35.59 -12.96 4.40
N SER C 8 -35.15 -12.25 5.43
CA SER C 8 -33.92 -11.47 5.33
C SER C 8 -32.73 -12.39 5.10
N THR C 9 -32.67 -13.52 5.81
CA THR C 9 -31.59 -14.49 5.59
C THR C 9 -31.55 -14.96 4.14
N GLU C 10 -32.70 -15.41 3.63
CA GLU C 10 -32.75 -15.96 2.29
C GLU C 10 -32.39 -14.90 1.25
N PHE C 11 -32.95 -13.69 1.38
CA PHE C 11 -32.61 -12.62 0.45
C PHE C 11 -31.14 -12.25 0.56
N CYS C 12 -30.60 -12.29 1.78
CA CYS C 12 -29.17 -12.03 1.99
C CYS C 12 -28.32 -12.93 1.12
N PHE C 13 -28.54 -14.24 1.21
CA PHE C 13 -27.69 -15.15 0.45
C PHE C 13 -27.99 -15.09 -1.04
N ASP C 14 -29.26 -14.91 -1.42
CA ASP C 14 -29.61 -14.77 -2.83
C ASP C 14 -28.92 -13.56 -3.45
N MET C 15 -28.78 -12.47 -2.68
CA MET C 15 -28.12 -11.28 -3.18
C MET C 15 -26.61 -11.41 -3.14
N PHE C 16 -26.07 -12.14 -2.15
CA PHE C 16 -24.63 -12.40 -2.11
C PHE C 16 -24.18 -13.15 -3.35
N LYS C 17 -24.93 -14.18 -3.76
CA LYS C 17 -24.54 -14.97 -4.91
C LYS C 17 -24.43 -14.13 -6.18
N GLU C 18 -25.25 -13.09 -6.30
CA GLU C 18 -25.20 -12.22 -7.47
C GLU C 18 -24.20 -11.08 -7.32
N LEU C 19 -23.96 -10.60 -6.10
CA LEU C 19 -23.03 -9.50 -5.88
C LEU C 19 -21.58 -9.96 -5.97
N LYS C 20 -21.28 -11.20 -5.59
CA LYS C 20 -19.89 -11.64 -5.52
C LYS C 20 -19.20 -11.65 -6.88
N VAL C 21 -19.96 -11.71 -7.97
CA VAL C 21 -19.33 -11.80 -9.29
C VAL C 21 -18.71 -10.46 -9.70
N HIS C 22 -19.16 -9.35 -9.14
CA HIS C 22 -18.64 -8.03 -9.47
C HIS C 22 -17.56 -7.56 -8.51
N HIS C 23 -17.19 -8.37 -7.52
CA HIS C 23 -16.19 -8.00 -6.51
C HIS C 23 -15.32 -9.22 -6.20
N VAL C 24 -14.53 -9.63 -7.18
CA VAL C 24 -13.61 -10.75 -7.00
C VAL C 24 -12.36 -10.25 -6.29
N ASN C 25 -11.85 -11.08 -5.37
CA ASN C 25 -10.67 -10.74 -4.58
C ASN C 25 -10.82 -9.38 -3.90
N GLU C 26 -11.98 -9.19 -3.26
CA GLU C 26 -12.32 -7.91 -2.66
C GLU C 26 -13.22 -8.15 -1.46
N ASN C 27 -13.10 -7.28 -0.46
CA ASN C 27 -13.96 -7.37 0.71
C ASN C 27 -15.41 -7.05 0.35
N ILE C 28 -16.33 -7.73 1.02
CA ILE C 28 -17.77 -7.53 0.84
C ILE C 28 -18.41 -7.34 2.20
N ILE C 29 -19.36 -6.42 2.28
CA ILE C 29 -20.13 -6.19 3.49
C ILE C 29 -21.42 -5.46 3.15
N TYR C 30 -22.53 -5.94 3.69
CA TYR C 30 -23.82 -5.27 3.51
C TYR C 30 -24.74 -5.74 4.63
N SER C 31 -25.86 -5.03 4.78
CA SER C 31 -26.83 -5.30 5.83
C SER C 31 -28.14 -5.76 5.22
N PRO C 32 -28.45 -7.05 5.27
CA PRO C 32 -29.71 -7.53 4.67
C PRO C 32 -30.94 -6.98 5.34
N LEU C 33 -30.90 -6.71 6.65
CA LEU C 33 -32.07 -6.20 7.35
C LEU C 33 -32.50 -4.85 6.80
N SER C 34 -31.54 -3.92 6.65
CA SER C 34 -31.87 -2.60 6.13
C SER C 34 -32.37 -2.67 4.69
N ILE C 35 -31.69 -3.46 3.86
CA ILE C 35 -32.08 -3.58 2.45
C ILE C 35 -33.48 -4.14 2.34
N ILE C 36 -33.80 -5.17 3.12
CA ILE C 36 -35.13 -5.76 3.02
C ILE C 36 -36.18 -4.87 3.66
N SER C 37 -35.82 -4.08 4.67
CA SER C 37 -36.77 -3.12 5.23
C SER C 37 -37.16 -2.07 4.18
N ILE C 38 -36.16 -1.54 3.47
CA ILE C 38 -36.44 -0.53 2.45
C ILE C 38 -37.17 -1.16 1.26
N LEU C 39 -36.82 -2.39 0.90
CA LEU C 39 -37.50 -3.03 -0.21
C LEU C 39 -38.94 -3.36 0.16
N SER C 40 -39.23 -3.65 1.43
CA SER C 40 -40.62 -3.78 1.86
C SER C 40 -41.33 -2.42 1.85
N MET C 41 -40.60 -1.35 2.20
CA MET C 41 -41.14 0.00 2.07
C MET C 41 -41.67 0.23 0.65
N VAL C 42 -40.86 -0.09 -0.36
CA VAL C 42 -41.31 0.08 -1.74
C VAL C 42 -42.36 -0.97 -2.09
N PHE C 43 -42.27 -2.16 -1.49
CA PHE C 43 -43.20 -3.25 -1.78
C PHE C 43 -44.63 -2.91 -1.38
N LEU C 44 -44.79 -2.16 -0.29
CA LEU C 44 -46.13 -1.77 0.14
C LEU C 44 -46.85 -0.94 -0.93
N GLY C 45 -46.11 -0.15 -1.69
CA GLY C 45 -46.71 0.72 -2.68
C GLY C 45 -46.92 0.05 -4.03
N ALA C 46 -46.04 -0.89 -4.38
CA ALA C 46 -46.15 -1.57 -5.65
C ALA C 46 -47.43 -2.42 -5.70
N ARG C 47 -47.99 -2.54 -6.90
CA ARG C 47 -49.18 -3.35 -7.12
C ARG C 47 -49.00 -4.14 -8.41
N GLU C 48 -49.85 -5.15 -8.59
CA GLU C 48 -49.97 -5.92 -9.82
C GLU C 48 -48.65 -6.64 -10.07
N ASN C 49 -48.04 -6.53 -11.27
CA ASN C 49 -46.89 -7.34 -11.61
C ASN C 49 -45.66 -6.94 -10.80
N THR C 50 -45.43 -5.63 -10.64
CA THR C 50 -44.27 -5.16 -9.89
C THR C 50 -44.31 -5.68 -8.45
N LYS C 51 -45.49 -5.67 -7.83
CA LYS C 51 -45.59 -6.14 -6.45
C LYS C 51 -45.32 -7.63 -6.35
N THR C 52 -45.82 -8.43 -7.28
CA THR C 52 -45.56 -9.87 -7.24
C THR C 52 -44.07 -10.14 -7.44
N GLN C 53 -43.44 -9.41 -8.37
CA GLN C 53 -42.00 -9.53 -8.56
C GLN C 53 -41.25 -9.22 -7.27
N MET C 54 -41.59 -8.10 -6.62
CA MET C 54 -40.89 -7.71 -5.40
C MET C 54 -41.16 -8.71 -4.27
N GLU C 55 -42.37 -9.28 -4.23
CA GLU C 55 -42.70 -10.25 -3.19
C GLU C 55 -41.92 -11.54 -3.38
N LYS C 56 -41.71 -11.95 -4.64
CA LYS C 56 -40.92 -13.15 -4.87
C LYS C 56 -39.44 -12.91 -4.58
N VAL C 57 -38.91 -11.75 -4.98
CA VAL C 57 -37.48 -11.50 -4.79
C VAL C 57 -37.17 -11.25 -3.31
N ILE C 58 -38.09 -10.60 -2.59
CA ILE C 58 -37.88 -10.32 -1.18
C ILE C 58 -38.25 -11.52 -0.32
N HIS C 59 -38.97 -12.48 -0.90
CA HIS C 59 -39.39 -13.72 -0.22
C HIS C 59 -40.42 -13.44 0.87
N PHE C 60 -41.29 -12.46 0.63
CA PHE C 60 -42.44 -12.24 1.49
C PHE C 60 -43.63 -13.12 1.11
N ASP C 61 -43.56 -13.82 -0.01
CA ASP C 61 -44.63 -14.74 -0.37
C ASP C 61 -44.74 -15.89 0.63
N LYS C 62 -43.61 -16.33 1.18
CA LYS C 62 -43.64 -17.38 2.19
C LYS C 62 -44.15 -16.89 3.53
N ILE C 63 -44.05 -15.57 3.80
CA ILE C 63 -44.53 -15.04 5.06
C ILE C 63 -46.05 -15.12 5.13
N THR C 64 -46.73 -14.79 4.03
CA THR C 64 -48.18 -14.83 3.99
C THR C 64 -48.66 -16.28 3.90
N GLY C 65 -49.56 -16.66 4.81
CA GLY C 65 -50.23 -17.92 4.69
C GLY C 65 -51.20 -17.94 3.53
N PHE C 66 -51.73 -19.13 3.25
CA PHE C 66 -52.70 -19.29 2.16
C PHE C 66 -54.03 -18.68 2.59
N GLY C 67 -54.08 -17.35 2.55
CA GLY C 67 -55.26 -16.60 2.88
C GLY C 67 -55.17 -15.22 2.26
N GLU C 68 -56.09 -14.35 2.65
CA GLU C 68 -56.18 -13.02 2.06
C GLU C 68 -54.87 -12.25 2.23
N SER C 69 -54.35 -11.75 1.10
CA SER C 69 -53.04 -11.09 1.09
C SER C 69 -53.04 -9.68 0.50
N LEU C 70 -54.12 -9.25 -0.14
CA LEU C 70 -54.20 -7.91 -0.70
C LEU C 70 -55.19 -7.06 0.10
N GLU C 71 -54.82 -5.79 0.31
CA GLU C 71 -55.68 -4.78 0.90
C GLU C 71 -55.84 -4.98 2.40
N SER C 72 -55.60 -6.20 2.90
CA SER C 72 -55.65 -6.45 4.33
C SER C 72 -54.70 -5.52 5.07
N GLN C 73 -55.12 -5.07 6.25
CA GLN C 73 -54.33 -4.13 7.06
C GLN C 73 -53.83 -2.96 6.23
N CYS C 74 -52.67 -3.13 5.58
CA CYS C 74 -52.14 -2.08 4.71
C CYS C 74 -51.24 -2.71 3.67
N GLY C 75 -51.54 -2.48 2.40
CA GLY C 75 -50.66 -2.90 1.32
C GLY C 75 -50.53 -4.40 1.14
N THR C 76 -50.07 -5.08 2.17
CA THR C 76 -49.79 -6.52 2.11
C THR C 76 -50.73 -7.27 3.07
N SER C 77 -50.45 -8.55 3.26
CA SER C 77 -51.31 -9.40 4.07
C SER C 77 -51.22 -9.00 5.54
N VAL C 78 -52.15 -9.57 6.33
CA VAL C 78 -52.11 -9.38 7.78
C VAL C 78 -50.85 -10.01 8.35
N SER C 79 -50.40 -11.13 7.77
CA SER C 79 -49.23 -11.83 8.28
C SER C 79 -47.96 -11.00 8.06
N VAL C 80 -47.79 -10.45 6.86
CA VAL C 80 -46.61 -9.63 6.58
C VAL C 80 -46.63 -8.36 7.42
N HIS C 81 -47.80 -7.75 7.57
CA HIS C 81 -47.94 -6.56 8.41
C HIS C 81 -47.51 -6.87 9.85
N ALA C 82 -47.99 -7.99 10.39
CA ALA C 82 -47.64 -8.36 11.75
C ALA C 82 -46.14 -8.63 11.89
N SER C 83 -45.56 -9.37 10.93
CA SER C 83 -44.14 -9.68 10.98
C SER C 83 -43.30 -8.41 10.93
N LEU C 84 -43.64 -7.49 10.01
CA LEU C 84 -42.98 -6.21 9.94
C LEU C 84 -43.02 -5.48 11.27
N LYS C 85 -44.23 -5.34 11.83
CA LYS C 85 -44.40 -4.58 13.07
C LYS C 85 -43.60 -5.21 14.21
N ASP C 86 -43.60 -6.55 14.31
CA ASP C 86 -42.98 -7.16 15.47
C ASP C 86 -41.45 -7.22 15.34
N ILE C 87 -40.90 -7.39 14.14
CA ILE C 87 -39.44 -7.23 14.00
C ILE C 87 -39.03 -5.79 14.29
N LEU C 88 -39.81 -4.82 13.81
CA LEU C 88 -39.52 -3.41 14.11
C LEU C 88 -39.49 -3.19 15.61
N SER C 89 -40.48 -3.72 16.32
CA SER C 89 -40.48 -3.57 17.78
C SER C 89 -39.34 -4.34 18.43
N GLU C 90 -38.91 -5.45 17.82
CA GLU C 90 -37.90 -6.30 18.44
C GLU C 90 -36.52 -5.67 18.40
N ILE C 91 -36.11 -5.16 17.24
CA ILE C 91 -34.74 -4.63 17.18
C ILE C 91 -34.62 -3.23 17.75
N THR C 92 -35.73 -2.49 17.84
CA THR C 92 -35.73 -1.18 18.48
C THR C 92 -35.98 -1.26 19.98
N LYS C 93 -35.92 -2.46 20.55
CA LYS C 93 -36.11 -2.63 21.99
C LYS C 93 -34.99 -1.91 22.74
N PRO C 94 -35.32 -1.14 23.78
CA PRO C 94 -34.25 -0.44 24.53
C PRO C 94 -33.50 -1.41 25.44
N SER C 95 -32.18 -1.38 25.34
CA SER C 95 -31.30 -2.20 26.16
C SER C 95 -30.20 -1.34 26.76
N ASP C 96 -29.92 -1.56 28.04
CA ASP C 96 -28.83 -0.84 28.70
C ASP C 96 -27.46 -1.40 28.31
N ASN C 97 -27.42 -2.61 27.75
CA ASN C 97 -26.15 -3.27 27.46
C ASN C 97 -25.53 -2.75 26.17
N TYR C 98 -26.31 -2.63 25.11
CA TYR C 98 -25.83 -2.20 23.81
C TYR C 98 -26.69 -1.06 23.29
N SER C 99 -26.33 -0.57 22.10
CA SER C 99 -27.09 0.48 21.42
C SER C 99 -27.45 -0.03 20.03
N LEU C 100 -28.74 -0.16 19.76
CA LEU C 100 -29.24 -0.63 18.47
C LEU C 100 -30.36 0.31 18.04
N SER C 101 -30.22 0.90 16.85
CA SER C 101 -31.17 1.87 16.35
C SER C 101 -31.49 1.59 14.90
N LEU C 102 -32.79 1.52 14.59
CA LEU C 102 -33.30 1.45 13.22
C LEU C 102 -34.10 2.72 12.97
N ALA C 103 -33.74 3.45 11.92
CA ALA C 103 -34.46 4.67 11.56
C ALA C 103 -34.81 4.63 10.08
N SER C 104 -36.02 5.05 9.76
CA SER C 104 -36.46 5.16 8.38
C SER C 104 -36.99 6.58 8.14
N LYS C 105 -36.81 7.07 6.92
CA LYS C 105 -37.27 8.41 6.59
C LYS C 105 -37.40 8.52 5.08
N LEU C 106 -38.42 9.26 4.63
CA LEU C 106 -38.66 9.44 3.21
C LEU C 106 -38.72 10.93 2.89
N TYR C 107 -38.03 11.31 1.83
CA TYR C 107 -38.04 12.67 1.32
C TYR C 107 -38.87 12.69 0.04
N ALA C 108 -39.59 13.78 -0.17
CA ALA C 108 -40.47 13.87 -1.32
C ALA C 108 -40.45 15.28 -1.88
N GLU C 109 -40.62 15.39 -3.20
CA GLU C 109 -40.77 16.68 -3.83
C GLU C 109 -42.06 17.34 -3.36
N GLU C 110 -41.99 18.65 -3.14
CA GLU C 110 -43.19 19.37 -2.70
C GLU C 110 -44.27 19.39 -3.78
N THR C 111 -43.87 19.34 -5.06
CA THR C 111 -44.85 19.21 -6.13
C THR C 111 -45.32 17.77 -6.28
N TYR C 112 -44.50 16.80 -5.86
CA TYR C 112 -44.88 15.40 -5.95
C TYR C 112 -45.96 15.08 -4.92
N PRO C 113 -47.06 14.44 -5.32
CA PRO C 113 -48.09 14.07 -4.35
C PRO C 113 -47.92 12.66 -3.82
N VAL C 114 -48.04 12.49 -2.51
CA VAL C 114 -47.96 11.19 -1.86
C VAL C 114 -49.28 10.93 -1.15
N LEU C 115 -49.78 9.70 -1.27
CA LEU C 115 -51.07 9.37 -0.67
C LEU C 115 -50.97 9.46 0.86
N PRO C 116 -52.00 9.98 1.52
CA PRO C 116 -51.94 10.04 2.99
C PRO C 116 -52.00 8.67 3.65
N GLU C 117 -52.69 7.69 3.06
CA GLU C 117 -52.75 6.37 3.66
C GLU C 117 -51.39 5.67 3.59
N TYR C 118 -50.63 5.90 2.52
CA TYR C 118 -49.31 5.29 2.44
C TYR C 118 -48.36 5.90 3.47
N LEU C 119 -48.45 7.21 3.69
CA LEU C 119 -47.64 7.85 4.73
C LEU C 119 -48.05 7.37 6.11
N GLN C 120 -49.36 7.20 6.33
CA GLN C 120 -49.83 6.65 7.60
C GLN C 120 -49.30 5.24 7.80
N CYS C 121 -49.19 4.45 6.73
CA CYS C 121 -48.62 3.12 6.84
C CYS C 121 -47.12 3.17 7.13
N ILE C 122 -46.41 4.11 6.50
CA ILE C 122 -44.98 4.27 6.78
C ILE C 122 -44.77 4.59 8.25
N LYS C 123 -45.65 5.42 8.83
CA LYS C 123 -45.60 5.66 10.27
C LYS C 123 -46.05 4.44 11.06
N GLU C 124 -46.93 3.62 10.49
CA GLU C 124 -47.49 2.47 11.19
C GLU C 124 -46.42 1.40 11.41
N LEU C 125 -45.74 0.99 10.34
CA LEU C 125 -44.81 -0.13 10.39
C LEU C 125 -43.37 0.30 10.56
N TYR C 126 -42.91 1.28 9.80
CA TYR C 126 -41.51 1.71 9.82
C TYR C 126 -41.28 2.93 10.70
N LYS C 127 -42.35 3.52 11.24
CA LYS C 127 -42.32 4.72 12.06
C LYS C 127 -41.28 5.73 11.56
N GLY C 128 -41.45 6.09 10.28
CA GLY C 128 -40.56 7.02 9.63
C GLY C 128 -41.28 8.31 9.26
N SER C 129 -40.52 9.40 9.22
CA SER C 129 -41.08 10.70 8.91
C SER C 129 -40.95 11.00 7.42
N LEU C 130 -41.73 11.99 6.98
CA LEU C 130 -41.68 12.54 5.63
C LEU C 130 -41.16 13.97 5.66
N GLU C 131 -40.26 14.28 4.74
CA GLU C 131 -39.75 15.64 4.60
C GLU C 131 -39.92 16.10 3.16
N THR C 132 -40.55 17.25 2.98
CA THR C 132 -40.80 17.81 1.66
C THR C 132 -39.66 18.76 1.28
N VAL C 133 -38.92 18.41 0.25
CA VAL C 133 -37.85 19.24 -0.28
C VAL C 133 -38.00 19.34 -1.79
N SER C 134 -37.49 20.43 -2.36
CA SER C 134 -37.58 20.67 -3.79
C SER C 134 -36.38 20.03 -4.48
N PHE C 135 -36.62 18.91 -5.17
CA PHE C 135 -35.52 18.25 -5.88
C PHE C 135 -35.13 18.99 -7.15
N GLN C 136 -36.12 19.59 -7.83
CA GLN C 136 -35.83 20.23 -9.11
C GLN C 136 -35.03 21.51 -8.92
N THR C 137 -35.26 22.24 -7.84
CA THR C 137 -34.56 23.50 -7.61
C THR C 137 -33.19 23.26 -6.97
N ALA C 138 -33.18 22.58 -5.82
CA ALA C 138 -31.96 22.38 -5.05
C ALA C 138 -31.75 20.88 -4.81
N ALA C 139 -31.40 20.16 -5.89
CA ALA C 139 -31.10 18.74 -5.77
C ALA C 139 -29.85 18.52 -4.93
N ASP C 140 -28.84 19.38 -5.09
CA ASP C 140 -27.62 19.25 -4.30
C ASP C 140 -27.89 19.54 -2.82
N GLN C 141 -28.73 20.53 -2.54
CA GLN C 141 -29.08 20.84 -1.16
C GLN C 141 -29.86 19.68 -0.52
N ALA C 142 -30.80 19.09 -1.26
CA ALA C 142 -31.52 17.94 -0.75
C ALA C 142 -30.59 16.76 -0.53
N ARG C 143 -29.62 16.57 -1.43
CA ARG C 143 -28.64 15.51 -1.25
C ARG C 143 -27.83 15.70 0.01
N GLU C 144 -27.36 16.92 0.24
CA GLU C 144 -26.57 17.19 1.44
C GLU C 144 -27.42 17.05 2.71
N LEU C 145 -28.69 17.42 2.65
CA LEU C 145 -29.57 17.25 3.79
C LEU C 145 -29.82 15.77 4.09
N ILE C 146 -30.04 14.97 3.05
CA ILE C 146 -30.23 13.53 3.24
C ILE C 146 -28.97 12.91 3.83
N ASN C 147 -27.80 13.30 3.31
CA ASN C 147 -26.55 12.75 3.83
C ASN C 147 -26.31 13.19 5.28
N SER C 148 -26.69 14.42 5.63
CA SER C 148 -26.53 14.86 7.01
C SER C 148 -27.46 14.10 7.95
N TRP C 149 -28.71 13.87 7.53
CA TRP C 149 -29.62 13.07 8.34
C TRP C 149 -29.09 11.66 8.53
N VAL C 150 -28.61 11.04 7.44
CA VAL C 150 -28.13 9.66 7.55
C VAL C 150 -26.88 9.62 8.41
N GLU C 151 -26.04 10.67 8.36
CA GLU C 151 -24.85 10.72 9.20
C GLU C 151 -25.21 10.85 10.67
N THR C 152 -26.20 11.68 10.98
CA THR C 152 -26.64 11.81 12.37
C THR C 152 -27.26 10.52 12.87
N GLN C 153 -27.98 9.80 12.00
CA GLN C 153 -28.60 8.55 12.43
C GLN C 153 -27.58 7.42 12.57
N THR C 154 -26.48 7.46 11.82
CA THR C 154 -25.43 6.47 11.95
C THR C 154 -24.35 6.89 12.96
N ASN C 155 -24.61 7.93 13.73
CA ASN C 155 -23.66 8.43 14.75
C ASN C 155 -22.34 8.85 14.11
N GLY C 156 -22.43 9.54 12.98
CA GLY C 156 -21.23 10.04 12.31
C GLY C 156 -20.40 9.00 11.60
N VAL C 157 -20.86 7.76 11.52
CA VAL C 157 -20.07 6.70 10.90
C VAL C 157 -20.15 6.79 9.38
N ILE C 158 -21.36 6.85 8.83
CA ILE C 158 -21.59 6.93 7.40
C ILE C 158 -21.76 8.40 7.06
N LYS C 159 -20.70 9.02 6.54
CA LYS C 159 -20.72 10.41 6.12
C LYS C 159 -20.81 10.49 4.60
N ASN C 160 -21.57 11.46 4.10
CA ASN C 160 -21.70 11.71 2.67
C ASN C 160 -22.12 10.44 1.93
N PHE C 161 -23.26 9.90 2.35
CA PHE C 161 -23.71 8.59 1.86
C PHE C 161 -24.05 8.65 0.38
N LEU C 162 -24.98 9.54 0.00
CA LEU C 162 -25.39 9.65 -1.40
C LEU C 162 -24.29 10.31 -2.21
N GLN C 163 -23.79 9.59 -3.22
CA GLN C 163 -22.75 10.11 -4.08
C GLN C 163 -23.27 11.29 -4.90
N PRO C 164 -22.38 12.17 -5.34
CA PRO C 164 -22.81 13.27 -6.23
C PRO C 164 -23.37 12.71 -7.53
N GLY C 165 -24.44 13.33 -8.01
CA GLY C 165 -25.12 12.87 -9.19
C GLY C 165 -26.06 11.71 -8.97
N SER C 166 -26.07 11.12 -7.78
CA SER C 166 -27.08 10.11 -7.47
C SER C 166 -28.48 10.70 -7.60
N VAL C 167 -28.77 11.74 -6.80
CA VAL C 167 -30.03 12.45 -6.90
C VAL C 167 -29.98 13.44 -8.05
N ASP C 168 -31.12 13.61 -8.72
CA ASP C 168 -31.28 14.45 -9.89
C ASP C 168 -32.48 15.35 -9.68
N PRO C 169 -32.58 16.45 -10.45
CA PRO C 169 -33.78 17.30 -10.32
C PRO C 169 -35.06 16.60 -10.72
N GLN C 170 -35.00 15.66 -11.67
CA GLN C 170 -36.18 14.93 -12.09
C GLN C 170 -36.62 13.88 -11.09
N THR C 171 -35.87 13.67 -10.01
CA THR C 171 -36.22 12.62 -9.05
C THR C 171 -37.38 13.07 -8.17
N GLU C 172 -38.35 12.18 -7.98
CA GLU C 172 -39.61 12.52 -7.33
C GLU C 172 -39.55 12.27 -5.82
N MET C 173 -39.12 11.08 -5.40
CA MET C 173 -39.22 10.69 -4.00
C MET C 173 -38.11 9.73 -3.63
N VAL C 174 -37.42 10.02 -2.52
CA VAL C 174 -36.29 9.23 -2.04
C VAL C 174 -36.69 8.55 -0.73
N LEU C 175 -36.23 7.31 -0.55
CA LEU C 175 -36.52 6.53 0.65
C LEU C 175 -35.21 6.03 1.25
N VAL C 176 -34.95 6.34 2.51
CA VAL C 176 -33.68 5.98 3.12
C VAL C 176 -33.92 5.38 4.50
N ASP C 177 -33.03 4.47 4.90
CA ASP C 177 -33.04 3.99 6.28
C ASP C 177 -31.61 3.74 6.73
N ALA C 178 -31.43 3.70 8.05
CA ALA C 178 -30.11 3.56 8.65
C ALA C 178 -30.20 2.75 9.93
N ILE C 179 -29.27 1.82 10.09
CA ILE C 179 -29.14 1.01 11.30
C ILE C 179 -27.79 1.30 11.93
N TYR C 180 -27.78 1.43 13.25
CA TYR C 180 -26.54 1.59 14.00
C TYR C 180 -26.53 0.62 15.17
N PHE C 181 -25.37 0.01 15.43
CA PHE C 181 -25.25 -0.92 16.54
C PHE C 181 -23.85 -0.82 17.13
N LYS C 182 -23.78 -0.39 18.38
CA LYS C 182 -22.53 -0.41 19.15
C LYS C 182 -22.73 -1.33 20.35
N GLY C 183 -21.90 -2.37 20.43
CA GLY C 183 -22.05 -3.36 21.49
C GLY C 183 -20.70 -3.79 22.03
N THR C 184 -20.76 -4.51 23.14
CA THR C 184 -19.59 -5.07 23.80
C THR C 184 -19.67 -6.59 23.78
N TRP C 185 -18.50 -7.23 23.73
CA TRP C 185 -18.46 -8.69 23.73
C TRP C 185 -18.92 -9.24 25.07
N GLU C 186 -19.51 -10.44 25.02
CA GLU C 186 -19.74 -11.19 26.25
C GLU C 186 -18.43 -11.43 26.97
N LYS C 187 -17.48 -12.05 26.28
CA LYS C 187 -16.13 -12.26 26.78
C LYS C 187 -15.20 -11.34 26.00
N ALA C 188 -14.68 -10.32 26.67
CA ALA C 188 -13.89 -9.30 26.01
C ALA C 188 -12.48 -9.83 25.69
N PHE C 189 -11.77 -9.09 24.85
CA PHE C 189 -10.39 -9.36 24.53
C PHE C 189 -9.49 -8.43 25.32
N LYS C 190 -8.46 -8.99 25.95
CA LYS C 190 -7.52 -8.17 26.70
C LYS C 190 -6.63 -7.40 25.74
N ASP C 191 -6.45 -6.10 26.01
CA ASP C 191 -5.66 -5.26 25.11
C ASP C 191 -4.22 -5.71 25.03
N GLU C 192 -3.66 -6.19 26.15
CA GLU C 192 -2.27 -6.64 26.13
C GLU C 192 -2.09 -7.92 25.33
N ASP C 193 -3.15 -8.75 25.24
CA ASP C 193 -3.07 -10.00 24.49
C ASP C 193 -3.08 -9.78 22.97
N THR C 194 -3.39 -8.58 22.51
CA THR C 194 -3.38 -8.30 21.08
C THR C 194 -1.95 -8.08 20.59
N GLN C 195 -1.57 -8.79 19.52
CA GLN C 195 -0.20 -8.70 19.01
C GLN C 195 -0.24 -8.83 17.50
N GLU C 196 0.87 -8.50 16.86
CA GLU C 196 0.95 -8.58 15.41
C GLU C 196 1.13 -10.02 14.97
N VAL C 197 0.30 -10.45 14.01
CA VAL C 197 0.31 -11.82 13.50
C VAL C 197 0.10 -11.77 11.99
N PRO C 198 0.78 -12.62 11.21
CA PRO C 198 0.53 -12.63 9.78
C PRO C 198 -0.86 -13.15 9.43
N PHE C 199 -1.43 -12.59 8.37
CA PHE C 199 -2.72 -12.96 7.84
C PHE C 199 -2.50 -13.35 6.38
N ARG C 200 -2.84 -14.59 6.04
CA ARG C 200 -2.52 -15.16 4.73
C ARG C 200 -3.68 -14.87 3.78
N ILE C 201 -3.49 -13.86 2.92
CA ILE C 201 -4.49 -13.58 1.88
C ILE C 201 -4.57 -14.74 0.90
N THR C 202 -3.42 -15.17 0.39
CA THR C 202 -3.29 -16.37 -0.43
C THR C 202 -2.29 -17.31 0.23
N GLU C 203 -2.03 -18.45 -0.41
CA GLU C 203 -1.04 -19.37 0.11
C GLU C 203 0.38 -18.81 0.01
N GLN C 204 0.62 -17.92 -0.94
CA GLN C 204 1.95 -17.35 -1.15
C GLN C 204 2.09 -15.93 -0.63
N GLU C 205 0.98 -15.23 -0.35
CA GLU C 205 1.02 -13.85 0.09
C GLU C 205 0.49 -13.74 1.51
N SER C 206 1.12 -12.87 2.30
CA SER C 206 0.72 -12.65 3.68
C SER C 206 1.00 -11.21 4.06
N LYS C 207 0.16 -10.66 4.93
CA LYS C 207 0.33 -9.30 5.43
C LYS C 207 0.07 -9.29 6.94
N PRO C 208 0.84 -8.52 7.70
CA PRO C 208 0.66 -8.52 9.16
C PRO C 208 -0.55 -7.72 9.58
N VAL C 209 -1.27 -8.22 10.58
CA VAL C 209 -2.43 -7.54 11.15
C VAL C 209 -2.40 -7.67 12.66
N GLN C 210 -3.07 -6.74 13.33
CA GLN C 210 -3.28 -6.84 14.77
C GLN C 210 -4.28 -7.96 15.05
N MET C 211 -3.93 -8.86 15.97
CA MET C 211 -4.72 -10.04 16.27
C MET C 211 -4.93 -10.10 17.78
N MET C 212 -6.20 -10.09 18.19
CA MET C 212 -6.57 -10.22 19.59
C MET C 212 -6.77 -11.70 19.92
N TYR C 213 -6.24 -12.12 21.06
CA TYR C 213 -6.31 -13.50 21.49
C TYR C 213 -7.00 -13.61 22.83
N GLN C 214 -7.77 -14.70 23.00
CA GLN C 214 -8.30 -15.02 24.32
C GLN C 214 -8.62 -16.51 24.38
N ALA C 215 -8.44 -17.09 25.55
CA ALA C 215 -8.74 -18.50 25.78
C ALA C 215 -9.98 -18.59 26.65
N GLY C 216 -11.03 -19.23 26.12
CA GLY C 216 -12.27 -19.28 26.88
C GLY C 216 -13.24 -20.27 26.27
N SER C 217 -14.39 -20.41 26.93
CA SER C 217 -15.42 -21.34 26.49
C SER C 217 -16.27 -20.68 25.40
N PHE C 218 -16.07 -21.09 24.16
CA PHE C 218 -16.81 -20.52 23.04
C PHE C 218 -17.57 -21.62 22.30
N LYS C 219 -18.58 -21.21 21.54
CA LYS C 219 -19.46 -22.13 20.83
C LYS C 219 -18.93 -22.30 19.41
N VAL C 220 -18.46 -23.51 19.09
CA VAL C 220 -17.86 -23.82 17.80
C VAL C 220 -18.57 -25.03 17.20
N ALA C 221 -18.85 -24.96 15.90
CA ALA C 221 -19.40 -26.07 15.14
C ALA C 221 -18.44 -26.44 14.03
N THR C 222 -18.03 -27.70 13.98
CA THR C 222 -17.07 -28.18 13.00
C THR C 222 -17.82 -28.92 11.89
N VAL C 223 -18.04 -28.25 10.77
CA VAL C 223 -18.70 -28.86 9.62
C VAL C 223 -17.60 -29.50 8.76
N ALA C 224 -17.43 -30.81 8.92
CA ALA C 224 -16.42 -31.55 8.16
C ALA C 224 -16.82 -31.77 6.71
N ALA C 225 -18.12 -31.74 6.41
CA ALA C 225 -18.56 -31.97 5.04
C ALA C 225 -18.05 -30.89 4.10
N GLU C 226 -18.10 -29.64 4.54
CA GLU C 226 -17.57 -28.51 3.77
C GLU C 226 -16.15 -28.14 4.17
N LYS C 227 -15.54 -28.91 5.07
CA LYS C 227 -14.18 -28.65 5.56
C LYS C 227 -14.07 -27.22 6.09
N MET C 228 -14.89 -26.91 7.09
CA MET C 228 -15.02 -25.54 7.58
C MET C 228 -15.48 -25.58 9.03
N LYS C 229 -15.19 -24.51 9.77
CA LYS C 229 -15.59 -24.40 11.16
C LYS C 229 -16.22 -23.02 11.39
N ILE C 230 -17.29 -22.99 12.18
CA ILE C 230 -17.98 -21.76 12.52
C ILE C 230 -17.80 -21.51 14.01
N LEU C 231 -17.54 -20.26 14.36
CA LEU C 231 -17.37 -19.84 15.75
C LEU C 231 -18.36 -18.72 16.06
N GLU C 232 -19.01 -18.80 17.21
CA GLU C 232 -19.95 -17.78 17.65
C GLU C 232 -19.35 -17.01 18.81
N LEU C 233 -19.39 -15.68 18.71
CA LEU C 233 -18.98 -14.79 19.80
C LEU C 233 -20.20 -13.98 20.21
N PRO C 234 -20.82 -14.27 21.35
CA PRO C 234 -21.99 -13.48 21.76
C PRO C 234 -21.57 -12.10 22.26
N TYR C 235 -22.48 -11.15 22.10
CA TYR C 235 -22.29 -9.82 22.67
C TYR C 235 -22.88 -9.79 24.07
N ALA C 236 -22.87 -8.59 24.68
CA ALA C 236 -23.44 -8.44 26.01
C ALA C 236 -24.93 -8.74 25.98
N SER C 237 -25.38 -9.54 26.94
CA SER C 237 -26.74 -10.03 27.15
C SER C 237 -27.10 -11.15 26.17
N GLY C 238 -26.24 -11.48 25.20
CA GLY C 238 -26.55 -12.54 24.25
C GLY C 238 -27.62 -12.20 23.24
N GLU C 239 -28.07 -10.94 23.19
CA GLU C 239 -29.11 -10.60 22.23
C GLU C 239 -28.56 -10.50 20.81
N LEU C 240 -27.27 -10.21 20.66
CA LEU C 240 -26.61 -10.21 19.37
C LEU C 240 -25.33 -11.03 19.46
N SER C 241 -25.00 -11.72 18.37
CA SER C 241 -23.79 -12.53 18.33
C SER C 241 -23.19 -12.42 16.93
N MET C 242 -21.88 -12.68 16.88
CA MET C 242 -21.12 -12.64 15.63
C MET C 242 -20.68 -14.04 15.26
N PHE C 243 -20.96 -14.45 14.04
CA PHE C 243 -20.58 -15.77 13.53
C PHE C 243 -19.46 -15.62 12.52
N VAL C 244 -18.36 -16.33 12.75
CA VAL C 244 -17.24 -16.38 11.81
C VAL C 244 -17.21 -17.77 11.20
N LEU C 245 -17.41 -17.83 9.89
CA LEU C 245 -17.33 -19.07 9.13
C LEU C 245 -15.97 -19.11 8.43
N LEU C 246 -15.08 -19.99 8.91
CA LEU C 246 -13.71 -20.04 8.42
C LEU C 246 -13.44 -21.42 7.84
N PRO C 247 -13.07 -21.52 6.56
CA PRO C 247 -12.70 -22.83 6.00
C PRO C 247 -11.37 -23.30 6.56
N ASP C 248 -11.22 -24.63 6.63
CA ASP C 248 -9.99 -25.20 7.17
C ASP C 248 -8.77 -24.79 6.37
N ASP C 249 -8.94 -24.58 5.06
CA ASP C 249 -7.86 -24.12 4.20
C ASP C 249 -8.36 -22.89 3.43
N ILE C 250 -7.41 -22.09 2.94
CA ILE C 250 -7.76 -20.83 2.29
C ILE C 250 -8.49 -21.11 0.98
N SER C 251 -7.99 -22.05 0.17
CA SER C 251 -8.57 -22.31 -1.14
C SER C 251 -10.02 -22.78 -1.03
N GLY C 252 -10.42 -23.29 0.12
CA GLY C 252 -11.80 -23.75 0.29
C GLY C 252 -12.81 -22.63 0.30
N LEU C 253 -12.38 -21.39 0.59
CA LEU C 253 -13.33 -20.29 0.74
C LEU C 253 -14.30 -20.21 -0.43
N GLU C 254 -13.77 -20.25 -1.66
CA GLU C 254 -14.59 -20.23 -2.86
C GLU C 254 -15.73 -21.24 -2.76
N GLN C 255 -15.40 -22.50 -2.54
CA GLN C 255 -16.40 -23.55 -2.38
C GLN C 255 -17.48 -23.12 -1.38
N LEU C 256 -17.06 -22.65 -0.20
CA LEU C 256 -18.00 -22.23 0.83
C LEU C 256 -18.96 -21.19 0.28
N GLU C 257 -18.41 -20.17 -0.40
CA GLU C 257 -19.25 -19.06 -0.89
C GLU C 257 -20.33 -19.56 -1.84
N THR C 258 -20.09 -20.69 -2.51
CA THR C 258 -21.12 -21.21 -3.40
C THR C 258 -22.13 -22.08 -2.63
N THR C 259 -21.66 -22.85 -1.65
CA THR C 259 -22.56 -23.79 -1.00
C THR C 259 -23.37 -23.19 0.14
N ILE C 260 -23.04 -21.96 0.57
CA ILE C 260 -23.77 -21.35 1.66
C ILE C 260 -25.15 -20.93 1.18
N SER C 261 -26.14 -21.08 2.05
CA SER C 261 -27.53 -20.76 1.77
C SER C 261 -28.28 -20.76 3.10
N ILE C 262 -29.51 -20.25 3.06
CA ILE C 262 -30.31 -20.17 4.28
C ILE C 262 -30.49 -21.55 4.90
N GLU C 263 -30.76 -22.56 4.06
CA GLU C 263 -30.92 -23.92 4.55
C GLU C 263 -29.62 -24.46 5.12
N LYS C 264 -28.51 -24.24 4.42
CA LYS C 264 -27.22 -24.73 4.89
C LYS C 264 -26.78 -23.96 6.13
N LEU C 265 -27.09 -22.66 6.21
CA LEU C 265 -26.77 -21.91 7.41
C LEU C 265 -27.58 -22.40 8.60
N SER C 266 -28.85 -22.75 8.37
CA SER C 266 -29.66 -23.30 9.45
C SER C 266 -29.13 -24.66 9.90
N GLU C 267 -28.65 -25.47 8.94
CA GLU C 267 -28.03 -26.74 9.30
C GLU C 267 -26.78 -26.52 10.15
N TRP C 268 -25.90 -25.63 9.71
CA TRP C 268 -24.58 -25.51 10.33
C TRP C 268 -24.67 -24.91 11.73
N THR C 269 -25.55 -23.94 11.93
CA THR C 269 -25.70 -23.27 13.21
C THR C 269 -26.76 -23.89 14.11
N SER C 270 -27.06 -25.17 13.91
CA SER C 270 -28.02 -25.85 14.77
C SER C 270 -27.51 -25.91 16.21
N SER C 271 -28.45 -25.92 17.16
CA SER C 271 -28.07 -25.97 18.57
C SER C 271 -27.31 -27.25 18.91
N ASN C 272 -27.61 -28.35 18.22
CA ASN C 272 -26.86 -29.58 18.41
C ASN C 272 -25.49 -29.49 17.77
N MET C 273 -25.34 -28.67 16.73
CA MET C 273 -24.06 -28.57 16.03
C MET C 273 -23.09 -27.64 16.76
N MET C 274 -23.59 -26.55 17.34
CA MET C 274 -22.75 -25.61 18.08
C MET C 274 -22.42 -26.22 19.44
N GLU C 275 -21.15 -26.57 19.65
CA GLU C 275 -20.69 -27.19 20.89
C GLU C 275 -19.87 -26.19 21.68
N ASP C 276 -20.16 -26.08 22.98
CA ASP C 276 -19.33 -25.26 23.86
C ASP C 276 -18.01 -25.97 24.13
N ARG C 277 -16.90 -25.34 23.76
CA ARG C 277 -15.59 -25.92 23.94
C ARG C 277 -14.61 -24.85 24.39
N LYS C 278 -13.64 -25.27 25.20
CA LYS C 278 -12.54 -24.39 25.60
C LYS C 278 -11.62 -24.19 24.42
N MET C 279 -11.60 -22.97 23.88
CA MET C 279 -10.90 -22.67 22.64
C MET C 279 -9.95 -21.51 22.84
N LYS C 280 -8.80 -21.61 22.18
CA LYS C 280 -7.94 -20.45 21.94
C LYS C 280 -8.47 -19.73 20.70
N VAL C 281 -8.86 -18.47 20.85
CA VAL C 281 -9.50 -17.71 19.79
C VAL C 281 -8.60 -16.55 19.41
N TYR C 282 -8.30 -16.45 18.12
CA TYR C 282 -7.56 -15.33 17.54
C TYR C 282 -8.46 -14.63 16.54
N LEU C 283 -8.58 -13.31 16.65
CA LEU C 283 -9.48 -12.53 15.81
C LEU C 283 -8.81 -11.22 15.41
N PRO C 284 -8.78 -10.87 14.13
CA PRO C 284 -8.10 -9.64 13.72
C PRO C 284 -8.94 -8.40 13.95
N HIS C 285 -8.25 -7.27 14.14
CA HIS C 285 -8.89 -5.97 14.10
C HIS C 285 -9.56 -5.77 12.76
N MET C 286 -10.87 -5.54 12.76
CA MET C 286 -11.59 -5.43 11.50
C MET C 286 -12.14 -4.02 11.31
N LYS C 287 -12.01 -3.51 10.08
CA LYS C 287 -12.55 -2.21 9.70
C LYS C 287 -12.92 -2.30 8.23
N ILE C 288 -14.09 -2.87 7.97
CA ILE C 288 -14.56 -3.14 6.61
C ILE C 288 -15.70 -2.18 6.29
N GLU C 289 -15.50 -1.37 5.24
CA GLU C 289 -16.43 -0.33 4.86
C GLU C 289 -16.61 -0.37 3.36
N GLU C 290 -17.85 -0.58 2.90
CA GLU C 290 -18.11 -0.73 1.47
C GLU C 290 -19.45 -0.11 1.10
N LYS C 291 -19.51 0.45 -0.10
CA LYS C 291 -20.72 1.04 -0.66
C LYS C 291 -20.99 0.43 -2.03
N TYR C 292 -22.27 0.17 -2.31
CA TYR C 292 -22.67 -0.56 -3.51
C TYR C 292 -23.87 0.12 -4.15
N ASN C 293 -24.04 -0.15 -5.44
CA ASN C 293 -25.22 0.23 -6.21
C ASN C 293 -25.96 -1.05 -6.56
N LEU C 294 -27.05 -1.32 -5.86
CA LEU C 294 -27.75 -2.60 -5.97
C LEU C 294 -28.72 -2.66 -7.13
N THR C 295 -28.82 -1.60 -7.94
CA THR C 295 -29.78 -1.59 -9.04
C THR C 295 -29.58 -2.78 -9.97
N SER C 296 -28.36 -2.97 -10.45
CA SER C 296 -28.07 -4.08 -11.35
C SER C 296 -28.35 -5.42 -10.68
N VAL C 297 -27.98 -5.56 -9.40
CA VAL C 297 -28.18 -6.82 -8.71
C VAL C 297 -29.66 -7.10 -8.51
N LEU C 298 -30.43 -6.08 -8.11
CA LEU C 298 -31.87 -6.27 -7.90
C LEU C 298 -32.56 -6.59 -9.23
N VAL C 299 -32.11 -6.00 -10.33
CA VAL C 299 -32.66 -6.37 -11.64
C VAL C 299 -32.32 -7.82 -11.96
N ALA C 300 -31.09 -8.24 -11.67
CA ALA C 300 -30.71 -9.63 -11.89
C ALA C 300 -31.47 -10.58 -10.97
N LEU C 301 -31.81 -10.13 -9.77
CA LEU C 301 -32.55 -10.97 -8.84
C LEU C 301 -33.99 -11.21 -9.29
N GLY C 302 -34.55 -10.33 -10.11
CA GLY C 302 -35.89 -10.53 -10.62
C GLY C 302 -36.77 -9.30 -10.60
N MET C 303 -36.30 -8.23 -9.97
CA MET C 303 -37.07 -6.99 -9.87
C MET C 303 -36.84 -6.15 -11.13
N THR C 304 -37.39 -6.63 -12.24
CA THR C 304 -37.18 -5.98 -13.53
C THR C 304 -38.16 -4.83 -13.75
N ASP C 305 -39.43 -5.02 -13.41
CA ASP C 305 -40.43 -4.00 -13.69
C ASP C 305 -40.20 -2.75 -12.84
N LEU C 306 -39.78 -2.93 -11.59
CA LEU C 306 -39.64 -1.80 -10.67
C LEU C 306 -38.65 -0.77 -11.21
N PHE C 307 -37.58 -1.23 -11.87
CA PHE C 307 -36.60 -0.34 -12.45
C PHE C 307 -36.91 0.05 -13.89
N SER C 308 -37.86 -0.64 -14.52
CA SER C 308 -38.28 -0.35 -15.89
C SER C 308 -39.46 0.62 -15.88
N PRO C 309 -39.73 1.27 -17.01
CA PRO C 309 -40.88 2.21 -17.07
C PRO C 309 -42.23 1.56 -16.85
N SER C 310 -42.31 0.23 -16.82
CA SER C 310 -43.55 -0.45 -16.50
C SER C 310 -43.80 -0.54 -14.99
N ALA C 311 -42.99 0.15 -14.19
CA ALA C 311 -43.14 0.10 -12.74
C ALA C 311 -44.45 0.75 -12.33
N ASN C 312 -45.30 -0.01 -11.65
CA ASN C 312 -46.56 0.49 -11.13
C ASN C 312 -46.42 0.68 -9.61
N LEU C 313 -46.57 1.91 -9.16
CA LEU C 313 -46.48 2.25 -7.74
C LEU C 313 -47.73 3.06 -7.35
N SER C 314 -48.89 2.46 -7.57
CA SER C 314 -50.16 3.15 -7.30
C SER C 314 -50.30 3.51 -5.83
N GLY C 315 -49.85 2.61 -4.94
CA GLY C 315 -49.89 2.90 -3.53
C GLY C 315 -48.97 4.03 -3.10
N ILE C 316 -47.98 4.36 -3.94
CA ILE C 316 -47.06 5.45 -3.62
C ILE C 316 -47.64 6.79 -4.04
N SER C 317 -47.86 6.97 -5.34
CA SER C 317 -48.40 8.22 -5.88
C SER C 317 -49.42 7.86 -6.97
N THR C 318 -50.70 8.02 -6.66
CA THR C 318 -51.76 7.69 -7.59
C THR C 318 -51.96 8.76 -8.65
N ALA C 319 -51.54 9.99 -8.38
CA ALA C 319 -51.72 11.07 -9.35
C ALA C 319 -50.87 10.85 -10.60
N GLN C 320 -49.62 10.45 -10.42
CA GLN C 320 -48.73 10.18 -11.54
C GLN C 320 -47.80 9.05 -11.20
N THR C 321 -47.49 8.22 -12.19
CA THR C 321 -46.62 7.07 -11.98
C THR C 321 -45.17 7.51 -11.79
N LEU C 322 -44.41 6.68 -11.08
CA LEU C 322 -43.02 6.97 -10.78
C LEU C 322 -42.27 5.66 -10.63
N LYS C 323 -41.07 5.60 -11.22
CA LYS C 323 -40.26 4.40 -11.20
C LYS C 323 -38.91 4.69 -10.56
N MET C 324 -38.35 3.67 -9.92
CA MET C 324 -37.03 3.78 -9.31
C MET C 324 -35.95 3.41 -10.31
N SER C 325 -34.81 4.12 -10.25
CA SER C 325 -33.66 3.80 -11.08
C SER C 325 -32.34 3.71 -10.33
N GLU C 326 -32.30 4.07 -9.05
CA GLU C 326 -31.04 4.07 -8.30
C GLU C 326 -31.28 3.55 -6.89
N ALA C 327 -30.47 2.57 -6.50
CA ALA C 327 -30.53 1.94 -5.18
C ALA C 327 -29.11 1.83 -4.66
N ILE C 328 -28.81 2.58 -3.60
CA ILE C 328 -27.47 2.60 -3.01
C ILE C 328 -27.53 1.90 -1.65
N HIS C 329 -26.39 1.38 -1.21
CA HIS C 329 -26.33 0.73 0.09
C HIS C 329 -24.92 0.78 0.64
N GLY C 330 -24.78 1.29 1.86
CA GLY C 330 -23.48 1.40 2.50
C GLY C 330 -23.44 0.62 3.83
N ALA C 331 -22.29 0.03 4.11
CA ALA C 331 -22.14 -0.78 5.32
C ALA C 331 -20.73 -0.65 5.86
N TYR C 332 -20.62 -0.43 7.17
CA TYR C 332 -19.35 -0.28 7.86
C TYR C 332 -19.39 -1.15 9.10
N VAL C 333 -18.28 -1.84 9.37
CA VAL C 333 -18.17 -2.77 10.49
C VAL C 333 -16.77 -2.66 11.07
N GLU C 334 -16.68 -2.39 12.38
CA GLU C 334 -15.40 -2.28 13.07
C GLU C 334 -15.42 -3.20 14.28
N ILE C 335 -14.48 -4.13 14.31
CA ILE C 335 -14.32 -5.09 15.40
C ILE C 335 -12.99 -4.79 16.10
N TYR C 336 -13.07 -4.58 17.41
CA TYR C 336 -11.92 -4.33 18.26
C TYR C 336 -12.00 -5.27 19.46
N GLU C 337 -11.24 -4.95 20.52
CA GLU C 337 -11.15 -5.85 21.66
C GLU C 337 -12.35 -5.74 22.59
N ALA C 338 -12.81 -4.51 22.88
CA ALA C 338 -13.87 -4.33 23.85
C ALA C 338 -15.21 -4.77 23.29
N GLY C 339 -15.51 -4.42 22.04
CA GLY C 339 -16.75 -4.78 21.41
C GLY C 339 -16.70 -4.58 19.90
N SER C 340 -17.74 -3.98 19.35
CA SER C 340 -17.75 -3.65 17.93
C SER C 340 -18.76 -2.54 17.67
N GLU C 341 -18.50 -1.81 16.59
CA GLU C 341 -19.33 -0.68 16.17
C GLU C 341 -19.62 -0.84 14.69
N MET C 342 -20.90 -0.89 14.35
CA MET C 342 -21.34 -1.17 12.98
C MET C 342 -22.47 -0.24 12.60
N ALA C 343 -22.59 0.02 11.30
CA ALA C 343 -23.54 1.02 10.83
C ALA C 343 -23.81 0.83 9.35
N THR C 344 -25.08 0.88 8.97
CA THR C 344 -25.47 0.64 7.59
C THR C 344 -26.56 1.63 7.20
N SER C 345 -26.71 1.80 5.89
CA SER C 345 -27.78 2.63 5.35
C SER C 345 -28.17 2.12 3.97
N THR C 346 -29.43 2.33 3.63
CA THR C 346 -29.97 1.98 2.32
C THR C 346 -30.72 3.18 1.77
N GLY C 347 -30.44 3.52 0.51
CA GLY C 347 -31.02 4.69 -0.13
C GLY C 347 -31.72 4.33 -1.43
N VAL C 348 -32.82 5.03 -1.69
CA VAL C 348 -33.78 4.69 -2.74
C VAL C 348 -34.11 5.98 -3.49
N LEU C 349 -34.03 5.92 -4.83
CA LEU C 349 -34.32 7.06 -5.66
C LEU C 349 -35.24 6.65 -6.81
N VAL C 350 -35.95 7.64 -7.35
CA VAL C 350 -37.05 7.46 -8.29
C VAL C 350 -36.87 8.44 -9.45
N GLU C 351 -37.06 7.94 -10.69
CA GLU C 351 -37.10 8.78 -11.89
C GLU C 351 -35.90 9.72 -12.04
N ALA C 352 -34.74 9.22 -12.47
CA ALA C 352 -33.51 10.00 -12.47
C ALA C 352 -33.01 10.30 -13.88
N ALA C 353 -32.47 11.50 -14.05
CA ALA C 353 -31.80 11.94 -15.27
C ALA C 353 -31.16 13.29 -15.00
N SER C 354 -29.95 13.50 -15.52
CA SER C 354 -29.25 14.75 -15.27
C SER C 354 -28.21 14.97 -16.36
N VAL C 355 -27.86 16.23 -16.56
CA VAL C 355 -26.86 16.62 -17.56
C VAL C 355 -26.05 17.80 -17.05
N SER C 356 -24.76 17.58 -16.83
CA SER C 356 -23.77 18.63 -16.53
C SER C 356 -24.17 19.35 -15.23
N GLU C 357 -24.25 20.67 -15.21
CA GLU C 357 -24.58 21.56 -14.10
C GLU C 357 -23.41 21.79 -13.14
N GLU C 358 -22.36 20.98 -13.19
CA GLU C 358 -21.26 21.16 -12.24
C GLU C 358 -19.98 20.62 -12.84
N PHE C 359 -18.85 21.05 -12.24
CA PHE C 359 -17.51 20.58 -12.60
C PHE C 359 -16.79 20.32 -11.27
N ARG C 360 -17.10 19.18 -10.66
CA ARG C 360 -16.57 18.83 -9.34
C ARG C 360 -15.33 17.96 -9.52
N VAL C 361 -14.20 18.39 -8.95
CA VAL C 361 -12.93 17.67 -9.06
C VAL C 361 -12.71 16.85 -7.80
N ASP C 362 -13.33 15.67 -7.74
CA ASP C 362 -13.26 14.81 -6.55
C ASP C 362 -12.64 13.46 -6.86
N HIS C 363 -11.99 13.31 -8.00
CA HIS C 363 -11.32 12.07 -8.38
C HIS C 363 -10.12 12.43 -9.22
N PRO C 364 -9.16 11.50 -9.39
CA PRO C 364 -7.87 11.86 -10.02
C PRO C 364 -8.03 12.44 -11.40
N PHE C 365 -7.01 13.18 -11.83
CA PHE C 365 -7.15 14.02 -13.02
C PHE C 365 -5.78 14.53 -13.42
N LEU C 366 -5.65 14.92 -14.69
CA LEU C 366 -4.46 15.62 -15.14
C LEU C 366 -4.72 17.12 -15.14
N PHE C 367 -3.67 17.90 -14.95
CA PHE C 367 -3.77 19.35 -14.92
C PHE C 367 -2.69 19.99 -15.77
N LEU C 368 -3.02 21.17 -16.30
CA LEU C 368 -2.23 21.90 -17.27
C LEU C 368 -2.17 23.36 -16.84
N ILE C 369 -0.99 23.96 -16.91
CA ILE C 369 -0.79 25.37 -16.60
C ILE C 369 0.08 25.95 -17.70
N LYS C 370 -0.49 26.81 -18.53
CA LYS C 370 0.16 27.32 -19.73
C LYS C 370 0.26 28.84 -19.69
N HIS C 371 1.19 29.36 -20.48
CA HIS C 371 1.39 30.80 -20.65
C HIS C 371 0.65 31.21 -21.92
N ASN C 372 -0.51 31.85 -21.75
CA ASN C 372 -1.36 32.19 -22.88
C ASN C 372 -0.70 33.08 -23.93
N PRO C 373 0.10 34.09 -23.59
CA PRO C 373 0.74 34.89 -24.66
C PRO C 373 1.65 34.06 -25.55
N SER C 374 2.35 33.09 -24.97
CA SER C 374 3.29 32.26 -25.71
C SER C 374 2.74 30.88 -26.06
N ASN C 375 1.60 30.51 -25.48
CA ASN C 375 0.99 29.19 -25.69
C ASN C 375 1.99 28.08 -25.39
N SER C 376 2.80 28.29 -24.36
CA SER C 376 3.75 27.29 -23.89
C SER C 376 3.24 26.66 -22.60
N ILE C 377 3.52 25.37 -22.43
CA ILE C 377 3.10 24.63 -21.25
C ILE C 377 4.16 24.85 -20.17
N LEU C 378 3.84 25.66 -19.18
CA LEU C 378 4.74 25.83 -18.04
C LEU C 378 4.75 24.59 -17.16
N PHE C 379 3.56 24.06 -16.86
CA PHE C 379 3.43 22.93 -15.95
C PHE C 379 2.43 21.93 -16.52
N PHE C 380 2.74 20.64 -16.38
CA PHE C 380 1.81 19.57 -16.67
C PHE C 380 1.93 18.50 -15.59
N GLY C 381 0.81 17.89 -15.21
CA GLY C 381 0.90 16.90 -14.17
C GLY C 381 -0.30 15.99 -14.09
N ARG C 382 -0.15 14.93 -13.29
CA ARG C 382 -1.20 13.98 -13.00
C ARG C 382 -1.38 13.90 -11.49
N CYS C 383 -2.54 14.33 -11.01
CA CYS C 383 -2.85 14.35 -9.59
C CYS C 383 -3.74 13.16 -9.22
N ILE C 384 -3.21 12.31 -8.34
CA ILE C 384 -4.01 11.32 -7.63
C ILE C 384 -4.29 11.77 -6.19
N PHE C 385 -3.24 11.96 -5.40
CA PHE C 385 -3.39 12.50 -4.04
C PHE C 385 -3.08 13.99 -4.08
N PRO C 386 -4.02 14.87 -3.73
CA PRO C 386 -3.68 16.30 -3.74
C PRO C 386 -2.69 16.70 -2.65
N HIS C 387 -2.82 16.14 -1.46
CA HIS C 387 -1.98 16.52 -0.32
C HIS C 387 -1.27 15.30 0.25
N HIS C 388 -0.03 15.49 0.66
CA HIS C 388 0.75 14.43 1.28
C HIS C 388 1.03 14.72 2.75
#